data_2VOJ
#
_entry.id   2VOJ
#
_cell.length_a   88.993
_cell.length_b   88.993
_cell.length_c   373.855
_cell.angle_alpha   90.00
_cell.angle_beta   90.00
_cell.angle_gamma   90.00
#
_symmetry.space_group_name_H-M   'P 43 21 2'
#
loop_
_entity.id
_entity.type
_entity.pdbx_description
1 polymer 'ALANINE DEHYDROGENASE'
2 non-polymer NICOTINAMIDE-ADENINE-DINUCLEOTIDE
3 non-polymer '(2S)-2-HYDROXYPROPANOIC ACID'
4 water water
#
_entity_poly.entity_id   1
_entity_poly.type   'polypeptide(L)'
_entity_poly.pdbx_seq_one_letter_code
;MRVGIPTETKNNEFRVAITPAGVAELTRRGHEVLIQAGAGEGSAITDADFKAAGAQLVGTADQVWADADLLLKVKEPIAA
EYGRLRHGQILFTFLHLAASRACTDALLDSGTTSIAYETVQTADGALPLLAPMSEVAGRLAAQVGAYHLMRTQGGRGVLM
GGVPGVEPADVVVIGAGTAGYNAARIANGMGATVTVLDINIDKLRQLDAEFCGRIHTRYSSAYELEGAVKRADLVIGAVL
VPGAKAPKLVSNSLVAHMKPGAVLVDIAIDQGGCFEGSRPTTYDHPTFAVHDTLFYCVANMPASVPKTSTYALTNATMPY
VLELADHGWRAACRSNPALAKGLSTHEGALLSERVATDLGVPFTEPASVLA
;
_entity_poly.pdbx_strand_id   A,C,E
#
# COMPACT_ATOMS: atom_id res chain seq x y z
N MET A 1 32.17 21.91 6.49
CA MET A 1 32.53 20.44 6.49
C MET A 1 33.20 19.84 5.22
N ARG A 2 34.07 18.86 5.43
CA ARG A 2 34.81 18.23 4.35
C ARG A 2 34.41 16.78 4.12
N VAL A 3 33.97 16.48 2.91
CA VAL A 3 33.43 15.18 2.55
C VAL A 3 34.39 14.41 1.64
N GLY A 4 34.75 13.20 2.04
CA GLY A 4 35.69 12.44 1.25
C GLY A 4 35.12 11.15 0.71
N ILE A 5 35.51 10.82 -0.51
CA ILE A 5 35.14 9.57 -1.14
C ILE A 5 36.39 8.90 -1.67
N PRO A 6 36.79 7.76 -1.09
CA PRO A 6 37.89 6.98 -1.62
C PRO A 6 37.46 5.92 -2.64
N THR A 7 38.43 5.41 -3.39
CA THR A 7 38.22 4.33 -4.33
C THR A 7 37.88 3.04 -3.57
N GLU A 8 36.86 2.33 -4.04
CA GLU A 8 36.49 1.08 -3.40
C GLU A 8 37.58 0.06 -3.67
N THR A 9 37.93 -0.71 -2.64
CA THR A 9 39.09 -1.60 -2.69
C THR A 9 38.70 -3.08 -2.67
N LYS A 10 37.45 -3.40 -2.33
CA LYS A 10 37.03 -4.81 -2.32
C LYS A 10 37.11 -5.40 -3.71
N ASN A 11 37.25 -6.71 -3.76
CA ASN A 11 37.34 -7.44 -5.02
C ASN A 11 36.19 -7.12 -6.01
N ASN A 12 36.55 -6.58 -7.17
CA ASN A 12 35.60 -6.30 -8.26
C ASN A 12 34.50 -5.33 -7.87
N GLU A 13 34.82 -4.41 -6.98
CA GLU A 13 33.85 -3.41 -6.57
C GLU A 13 33.91 -2.19 -7.48
N PHE A 14 32.94 -2.04 -8.38
CA PHE A 14 33.02 -1.01 -9.40
C PHE A 14 32.17 0.20 -9.08
N ARG A 15 31.38 0.12 -8.01
CA ARG A 15 30.58 1.26 -7.59
C ARG A 15 31.42 2.37 -6.98
N VAL A 16 30.83 3.57 -6.91
CA VAL A 16 31.44 4.72 -6.24
C VAL A 16 30.35 5.34 -5.36
N ALA A 17 30.70 5.85 -4.18
CA ALA A 17 29.67 6.37 -3.23
C ALA A 17 29.03 7.73 -3.57
N ILE A 18 29.47 8.36 -4.67
CA ILE A 18 28.89 9.63 -5.08
C ILE A 18 29.01 9.83 -6.60
N THR A 19 28.12 10.65 -7.15
CA THR A 19 28.11 11.02 -8.56
C THR A 19 28.36 12.54 -8.66
N PRO A 20 28.72 13.03 -9.87
CA PRO A 20 28.88 14.49 -10.04
C PRO A 20 27.71 15.36 -9.58
N ALA A 21 26.48 14.91 -9.76
CA ALA A 21 25.34 15.71 -9.32
C ALA A 21 25.38 15.93 -7.81
N GLY A 22 25.78 14.89 -7.07
CA GLY A 22 25.93 14.95 -5.62
C GLY A 22 27.05 15.85 -5.17
N VAL A 23 28.20 15.78 -5.86
CA VAL A 23 29.32 16.67 -5.61
C VAL A 23 28.86 18.11 -5.79
N ALA A 24 28.16 18.39 -6.89
CA ALA A 24 27.69 19.74 -7.19
C ALA A 24 26.77 20.29 -6.08
N GLU A 25 25.86 19.46 -5.56
CA GLU A 25 25.00 19.88 -4.44
C GLU A 25 25.78 20.22 -3.17
N LEU A 26 26.71 19.36 -2.81
CA LEU A 26 27.57 19.59 -1.66
C LEU A 26 28.36 20.89 -1.77
N THR A 27 29.01 21.07 -2.92
CA THR A 27 29.80 22.26 -3.24
C THR A 27 28.95 23.54 -3.19
N ARG A 28 27.76 23.50 -3.79
CA ARG A 28 26.83 24.62 -3.79
C ARG A 28 26.53 25.08 -2.38
N ARG A 29 26.50 24.13 -1.44
CA ARG A 29 26.21 24.42 -0.03
C ARG A 29 27.46 24.81 0.79
N GLY A 30 28.62 24.89 0.14
CA GLY A 30 29.83 25.38 0.78
C GLY A 30 30.71 24.33 1.41
N HIS A 31 30.45 23.06 1.11
CA HIS A 31 31.28 21.98 1.60
C HIS A 31 32.40 21.67 0.62
N GLU A 32 33.49 21.11 1.14
CA GLU A 32 34.56 20.62 0.31
C GLU A 32 34.40 19.12 0.01
N VAL A 33 34.63 18.74 -1.25
CA VAL A 33 34.57 17.35 -1.63
C VAL A 33 35.90 16.87 -2.15
N LEU A 34 36.46 15.90 -1.45
CA LEU A 34 37.74 15.32 -1.80
C LEU A 34 37.50 13.91 -2.33
N ILE A 35 38.07 13.60 -3.50
CA ILE A 35 37.85 12.34 -4.16
C ILE A 35 39.15 11.73 -4.64
N GLN A 36 39.40 10.48 -4.28
CA GLN A 36 40.56 9.78 -4.74
C GLN A 36 40.50 9.72 -6.25
N ALA A 37 41.62 10.05 -6.90
CA ALA A 37 41.70 10.00 -8.36
C ALA A 37 41.41 8.57 -8.86
N GLY A 38 40.53 8.48 -9.86
CA GLY A 38 40.10 7.21 -10.41
C GLY A 38 38.98 6.47 -9.67
N ALA A 39 38.41 7.08 -8.64
CA ALA A 39 37.37 6.44 -7.82
C ALA A 39 36.08 6.10 -8.61
N GLY A 40 35.77 6.93 -9.61
CA GLY A 40 34.59 6.75 -10.41
C GLY A 40 34.80 5.93 -11.68
N GLU A 41 36.01 5.43 -11.90
CA GLU A 41 36.29 4.79 -13.19
C GLU A 41 35.51 3.50 -13.45
N GLY A 42 35.29 2.70 -12.41
CA GLY A 42 34.45 1.49 -12.53
C GLY A 42 33.03 1.77 -13.01
N SER A 43 32.49 2.94 -12.63
CA SER A 43 31.15 3.36 -13.03
C SER A 43 31.18 4.35 -14.18
N ALA A 44 32.31 4.43 -14.91
CA ALA A 44 32.44 5.31 -16.08
C ALA A 44 32.26 6.79 -15.76
N ILE A 45 32.69 7.18 -14.57
CA ILE A 45 32.73 8.59 -14.22
C ILE A 45 34.18 9.03 -14.13
N THR A 46 34.58 9.93 -15.04
CA THR A 46 35.99 10.35 -15.14
C THR A 46 36.37 11.33 -14.03
N ASP A 47 37.66 11.42 -13.77
CA ASP A 47 38.21 12.43 -12.88
C ASP A 47 37.77 13.83 -13.31
N ALA A 48 37.74 14.08 -14.62
CA ALA A 48 37.29 15.36 -15.17
C ALA A 48 35.84 15.68 -14.83
N ASP A 49 34.96 14.68 -14.91
CA ASP A 49 33.55 14.85 -14.56
C ASP A 49 33.37 15.33 -13.11
N PHE A 50 34.17 14.76 -12.21
CA PHE A 50 34.16 15.12 -10.80
C PHE A 50 34.70 16.54 -10.55
N LYS A 51 35.82 16.89 -11.18
CA LYS A 51 36.35 18.26 -11.16
C LYS A 51 35.32 19.29 -11.60
N ALA A 52 34.73 19.08 -12.76
CA ALA A 52 33.71 20.00 -13.29
C ALA A 52 32.61 20.29 -12.28
N ALA A 53 32.36 19.37 -11.36
CA ALA A 53 31.31 19.56 -10.36
C ALA A 53 31.80 20.27 -9.09
N GLY A 54 33.11 20.44 -8.96
CA GLY A 54 33.69 21.15 -7.83
C GLY A 54 34.52 20.33 -6.87
N ALA A 55 34.92 19.14 -7.29
CA ALA A 55 35.66 18.23 -6.42
C ALA A 55 37.16 18.48 -6.49
N GLN A 56 37.82 18.34 -5.36
CA GLN A 56 39.28 18.29 -5.32
C GLN A 56 39.72 16.85 -5.50
N LEU A 57 40.47 16.58 -6.56
CA LEU A 57 41.05 15.25 -6.75
C LEU A 57 42.32 15.08 -5.95
N VAL A 58 42.50 13.88 -5.42
CA VAL A 58 43.60 13.61 -4.53
C VAL A 58 44.29 12.36 -5.02
N GLY A 59 45.63 12.37 -4.99
CA GLY A 59 46.43 11.28 -5.54
C GLY A 59 46.34 9.95 -4.82
N THR A 60 46.18 9.97 -3.50
CA THR A 60 46.24 8.72 -2.75
C THR A 60 45.06 8.56 -1.80
N ALA A 61 44.79 7.31 -1.42
CA ALA A 61 43.75 6.99 -0.46
C ALA A 61 43.98 7.68 0.89
N ASP A 62 45.21 7.64 1.39
CA ASP A 62 45.54 8.15 2.73
C ASP A 62 45.08 9.56 3.01
N GLN A 63 45.18 10.39 1.98
CA GLN A 63 44.86 11.78 2.09
C GLN A 63 43.37 12.04 2.10
N VAL A 64 42.58 11.10 1.57
CA VAL A 64 41.13 11.18 1.67
C VAL A 64 40.70 10.84 3.10
N TRP A 65 41.21 9.73 3.65
CA TRP A 65 40.89 9.29 5.01
C TRP A 65 41.26 10.29 6.12
N ALA A 66 42.50 10.78 6.10
CA ALA A 66 42.90 11.94 6.90
C ALA A 66 42.32 13.11 6.16
N ASP A 67 41.87 14.16 6.83
CA ASP A 67 41.31 15.31 6.08
C ASP A 67 39.80 15.32 6.02
N ALA A 68 39.19 14.19 5.64
CA ALA A 68 37.74 14.14 5.53
C ALA A 68 37.02 14.01 6.88
N ASP A 69 36.08 14.90 7.14
CA ASP A 69 35.21 14.79 8.30
C ASP A 69 34.11 13.73 8.11
N LEU A 70 33.57 13.68 6.89
CA LEU A 70 32.56 12.74 6.51
C LEU A 70 33.14 11.87 5.42
N LEU A 71 33.23 10.58 5.70
CA LEU A 71 33.79 9.67 4.75
C LEU A 71 32.67 8.78 4.20
N LEU A 72 32.39 8.95 2.92
CA LEU A 72 31.36 8.22 2.21
C LEU A 72 31.92 7.02 1.45
N LYS A 73 31.46 5.83 1.78
CA LYS A 73 31.89 4.64 1.05
C LYS A 73 30.71 3.80 0.59
N VAL A 74 30.99 2.71 -0.12
CA VAL A 74 29.96 1.77 -0.53
C VAL A 74 30.06 0.52 0.34
N LYS A 75 31.26 -0.05 0.43
CA LYS A 75 31.51 -1.26 1.21
C LYS A 75 32.11 -0.98 2.59
N GLU A 76 32.18 -2.00 3.45
CA GLU A 76 32.82 -1.87 4.76
C GLU A 76 34.33 -1.74 4.61
N PRO A 77 34.99 -1.09 5.59
CA PRO A 77 36.45 -1.03 5.58
C PRO A 77 36.99 -2.44 5.59
N ILE A 78 37.94 -2.73 4.71
CA ILE A 78 38.62 -4.02 4.78
C ILE A 78 39.91 -3.90 5.61
N ALA A 79 40.53 -5.03 5.90
CA ALA A 79 41.65 -5.07 6.86
C ALA A 79 42.76 -4.06 6.55
N ALA A 80 43.21 -4.02 5.30
CA ALA A 80 44.20 -3.03 4.86
C ALA A 80 43.77 -1.56 5.10
N GLU A 81 42.51 -1.36 5.47
CA GLU A 81 41.95 -0.02 5.72
C GLU A 81 41.74 0.29 7.20
N TYR A 82 41.86 -0.73 8.05
CA TYR A 82 41.65 -0.55 9.51
C TYR A 82 42.50 0.57 10.14
N GLY A 83 43.74 0.71 9.66
CA GLY A 83 44.67 1.72 10.13
C GLY A 83 44.33 3.14 9.73
N ARG A 84 43.41 3.29 8.79
CA ARG A 84 42.99 4.59 8.31
C ARG A 84 41.84 5.20 9.11
N LEU A 85 41.18 4.36 9.89
CA LEU A 85 40.07 4.74 10.77
C LEU A 85 40.50 5.75 11.85
N ARG A 86 39.79 6.87 11.95
CA ARG A 86 40.18 7.99 12.83
C ARG A 86 39.08 8.32 13.84
N HIS A 87 39.48 9.04 14.88
CA HIS A 87 38.61 9.39 16.00
C HIS A 87 37.48 10.36 15.72
N GLY A 88 37.79 11.47 15.07
CA GLY A 88 36.75 12.50 14.95
C GLY A 88 36.12 12.54 13.58
N GLN A 89 35.74 11.37 13.08
CA GLN A 89 35.39 11.17 11.68
C GLN A 89 34.08 10.40 11.57
N ILE A 90 33.22 10.80 10.64
CA ILE A 90 31.96 10.10 10.40
C ILE A 90 32.12 9.15 9.23
N LEU A 91 31.85 7.88 9.48
CA LEU A 91 31.82 6.87 8.42
C LEU A 91 30.38 6.43 8.08
N PHE A 92 30.03 6.60 6.82
CA PHE A 92 28.70 6.31 6.29
C PHE A 92 28.86 5.36 5.10
N THR A 93 28.43 4.11 5.29
CA THR A 93 28.64 3.06 4.30
C THR A 93 27.80 1.83 4.64
N PHE A 94 27.87 0.80 3.80
CA PHE A 94 27.33 -0.51 4.21
C PHE A 94 28.28 -1.19 5.19
N LEU A 95 27.78 -1.58 6.37
CA LEU A 95 28.65 -2.14 7.40
C LEU A 95 28.50 -3.63 7.64
N HIS A 96 27.26 -4.10 7.80
CA HIS A 96 26.95 -5.53 8.07
C HIS A 96 27.72 -6.04 9.28
N LEU A 97 27.67 -5.27 10.37
CA LEU A 97 28.51 -5.54 11.53
C LEU A 97 28.26 -6.89 12.22
N ALA A 98 27.01 -7.34 12.27
CA ALA A 98 26.69 -8.61 12.86
C ALA A 98 27.33 -9.80 12.16
N ALA A 99 27.94 -9.57 11.00
CA ALA A 99 28.59 -10.65 10.26
C ALA A 99 30.12 -10.57 10.35
N SER A 100 30.62 -9.55 11.01
CA SER A 100 32.05 -9.40 11.14
C SER A 100 32.45 -8.84 12.51
N ARG A 101 32.82 -9.74 13.41
CA ARG A 101 33.48 -9.38 14.68
C ARG A 101 34.72 -8.49 14.47
N ALA A 102 35.52 -8.78 13.44
CA ALA A 102 36.75 -8.05 13.17
C ALA A 102 36.52 -6.61 12.78
N CYS A 103 35.54 -6.40 11.90
CA CYS A 103 35.25 -5.08 11.38
C CYS A 103 34.66 -4.20 12.48
N THR A 104 33.75 -4.80 13.24
CA THR A 104 33.16 -4.21 14.43
C THR A 104 34.23 -3.78 15.43
N ASP A 105 35.13 -4.70 15.78
CA ASP A 105 36.23 -4.41 16.70
C ASP A 105 37.12 -3.27 16.20
N ALA A 106 37.46 -3.29 14.91
CA ALA A 106 38.25 -2.22 14.32
C ALA A 106 37.57 -0.86 14.40
N LEU A 107 36.26 -0.81 14.28
CA LEU A 107 35.54 0.45 14.40
C LEU A 107 35.52 0.92 15.85
N LEU A 108 35.28 -0.02 16.75
CA LEU A 108 35.29 0.25 18.19
C LEU A 108 36.63 0.77 18.69
N ASP A 109 37.72 0.09 18.30
CA ASP A 109 39.06 0.46 18.76
C ASP A 109 39.53 1.81 18.21
N SER A 110 39.10 2.14 17.00
CA SER A 110 39.52 3.37 16.38
C SER A 110 38.76 4.60 16.91
N GLY A 111 37.61 4.37 17.54
CA GLY A 111 36.79 5.43 18.10
C GLY A 111 35.96 6.19 17.08
N THR A 112 36.04 5.74 15.83
CA THR A 112 35.31 6.36 14.74
C THR A 112 33.79 6.38 14.98
N THR A 113 33.11 7.31 14.35
CA THR A 113 31.68 7.34 14.45
C THR A 113 31.04 6.83 13.14
N SER A 114 30.30 5.75 13.26
CA SER A 114 29.82 5.08 12.06
C SER A 114 28.30 4.92 11.97
N ILE A 115 27.79 5.17 10.76
CA ILE A 115 26.39 5.00 10.45
C ILE A 115 26.29 4.03 9.28
N ALA A 116 25.48 2.98 9.47
CA ALA A 116 25.29 1.94 8.46
C ALA A 116 24.13 2.28 7.56
N TYR A 117 24.34 2.22 6.25
CA TYR A 117 23.23 2.42 5.30
C TYR A 117 22.07 1.45 5.56
N GLU A 118 22.42 0.19 5.88
CA GLU A 118 21.44 -0.90 5.90
C GLU A 118 20.52 -0.90 7.11
N THR A 119 20.78 -0.02 8.08
CA THR A 119 19.92 0.05 9.26
C THR A 119 19.18 1.38 9.41
N VAL A 120 19.39 2.28 8.45
CA VAL A 120 18.59 3.48 8.33
C VAL A 120 17.18 3.06 7.98
N GLN A 121 16.27 3.34 8.88
CA GLN A 121 14.94 2.76 8.83
C GLN A 121 13.86 3.79 9.16
N THR A 122 12.89 3.93 8.26
CA THR A 122 11.80 4.88 8.46
C THR A 122 10.71 4.29 9.33
N ALA A 123 9.80 5.15 9.76
CA ALA A 123 8.76 4.83 10.74
C ALA A 123 7.91 3.64 10.33
N ASP A 124 7.58 3.56 9.04
CA ASP A 124 6.85 2.42 8.47
C ASP A 124 7.66 1.07 8.40
N GLY A 125 8.93 1.08 8.79
CA GLY A 125 9.74 -0.15 8.80
C GLY A 125 10.62 -0.36 7.58
N ALA A 126 10.48 0.50 6.57
CA ALA A 126 11.28 0.40 5.34
C ALA A 126 12.77 0.74 5.59
N LEU A 127 13.62 0.17 4.74
CA LEU A 127 15.04 0.42 4.75
C LEU A 127 15.41 1.05 3.43
N PRO A 128 15.24 2.37 3.30
CA PRO A 128 15.37 3.05 2.00
C PRO A 128 16.76 3.04 1.37
N LEU A 129 17.82 2.82 2.14
CA LEU A 129 19.15 2.81 1.54
C LEU A 129 19.58 1.40 1.09
N LEU A 130 19.14 0.37 1.82
CA LEU A 130 19.29 -1.04 1.41
C LEU A 130 18.44 -1.31 0.17
N ALA A 131 17.21 -0.81 0.19
CA ALA A 131 16.21 -1.15 -0.82
C ALA A 131 16.74 -1.16 -2.28
N PRO A 132 17.37 -0.06 -2.75
CA PRO A 132 17.86 -0.10 -4.13
C PRO A 132 18.93 -1.15 -4.39
N MET A 133 19.75 -1.50 -3.40
CA MET A 133 20.67 -2.60 -3.60
C MET A 133 19.98 -3.98 -3.53
N SER A 134 18.86 -4.10 -2.80
CA SER A 134 18.09 -5.34 -2.81
C SER A 134 17.36 -5.53 -4.13
N GLU A 135 16.91 -4.43 -4.73
CA GLU A 135 16.33 -4.51 -6.08
C GLU A 135 17.34 -5.03 -7.10
N VAL A 136 18.54 -4.45 -7.12
CA VAL A 136 19.58 -4.90 -8.03
C VAL A 136 19.94 -6.37 -7.77
N ALA A 137 20.15 -6.73 -6.49
CA ALA A 137 20.63 -8.06 -6.16
C ALA A 137 19.54 -9.11 -6.41
N GLY A 138 18.29 -8.75 -6.15
CA GLY A 138 17.17 -9.64 -6.38
C GLY A 138 17.07 -9.95 -7.85
N ARG A 139 17.12 -8.92 -8.70
CA ARG A 139 17.12 -9.12 -10.15
C ARG A 139 18.36 -9.86 -10.65
N LEU A 140 19.54 -9.53 -10.12
CA LEU A 140 20.73 -10.30 -10.43
C LEU A 140 20.62 -11.78 -10.06
N ALA A 141 20.05 -12.09 -8.91
CA ALA A 141 20.00 -13.47 -8.45
C ALA A 141 19.31 -14.42 -9.47
N ALA A 142 18.23 -13.95 -10.09
CA ALA A 142 17.50 -14.76 -11.06
C ALA A 142 18.30 -14.95 -12.31
N GLN A 143 18.92 -13.87 -12.82
CA GLN A 143 19.87 -13.92 -13.94
C GLN A 143 21.00 -14.94 -13.75
N VAL A 144 21.77 -14.79 -12.67
CA VAL A 144 22.93 -15.61 -12.44
C VAL A 144 22.51 -17.04 -12.10
N GLY A 145 21.42 -17.19 -11.35
CA GLY A 145 20.81 -18.50 -11.15
C GLY A 145 20.45 -19.20 -12.45
N ALA A 146 19.81 -18.48 -13.37
CA ALA A 146 19.46 -19.01 -14.68
C ALA A 146 20.71 -19.55 -15.41
N TYR A 147 21.77 -18.73 -15.38
CA TYR A 147 23.00 -19.02 -16.05
C TYR A 147 23.67 -20.30 -15.52
N HIS A 148 23.80 -20.41 -14.20
CA HIS A 148 24.48 -21.55 -13.55
C HIS A 148 23.64 -22.82 -13.55
N LEU A 149 22.42 -22.74 -14.05
CA LEU A 149 21.62 -23.94 -14.24
C LEU A 149 22.02 -24.69 -15.53
N MET A 150 22.78 -24.05 -16.41
CA MET A 150 23.32 -24.72 -17.61
C MET A 150 24.35 -25.79 -17.24
N ARG A 151 24.32 -26.93 -17.93
CA ARG A 151 25.23 -28.05 -17.60
C ARG A 151 26.68 -27.62 -17.76
N THR A 152 26.87 -26.79 -18.75
CA THR A 152 28.10 -26.13 -19.03
C THR A 152 28.75 -25.36 -17.84
N GLN A 153 27.98 -25.02 -16.82
CA GLN A 153 28.53 -24.34 -15.65
C GLN A 153 28.41 -25.21 -14.41
N GLY A 154 28.11 -26.49 -14.57
CA GLY A 154 27.94 -27.37 -13.43
C GLY A 154 26.51 -27.60 -12.94
N GLY A 155 25.52 -26.85 -13.46
CA GLY A 155 24.11 -27.06 -13.06
C GLY A 155 23.44 -28.26 -13.70
N ARG A 156 22.17 -28.51 -13.37
CA ARG A 156 21.50 -29.69 -13.93
C ARG A 156 21.11 -29.68 -15.39
N GLY A 157 21.26 -28.54 -16.06
CA GLY A 157 20.93 -28.41 -17.47
C GLY A 157 19.46 -28.28 -17.82
N VAL A 158 18.71 -27.47 -17.08
CA VAL A 158 17.32 -27.13 -17.40
C VAL A 158 17.25 -25.67 -17.74
N LEU A 159 16.46 -25.34 -18.76
CA LEU A 159 16.17 -23.97 -19.12
C LEU A 159 15.13 -23.39 -18.14
N MET A 160 15.40 -22.20 -17.60
CA MET A 160 14.47 -21.52 -16.67
C MET A 160 13.02 -21.72 -17.03
N GLY A 161 12.65 -21.35 -18.27
CA GLY A 161 11.28 -21.27 -18.72
C GLY A 161 10.75 -22.48 -19.44
N GLY A 162 11.57 -23.51 -19.57
CA GLY A 162 11.25 -24.64 -20.42
C GLY A 162 10.93 -24.19 -21.84
N VAL A 163 10.27 -25.06 -22.60
CA VAL A 163 9.71 -24.73 -23.91
C VAL A 163 8.36 -25.44 -23.98
N PRO A 164 7.47 -25.06 -24.93
CA PRO A 164 6.17 -25.72 -24.94
C PRO A 164 6.33 -27.24 -24.94
N GLY A 165 5.64 -27.93 -24.03
CA GLY A 165 5.65 -29.37 -23.98
C GLY A 165 6.65 -29.95 -22.98
N VAL A 166 7.54 -29.10 -22.47
CA VAL A 166 8.55 -29.52 -21.54
C VAL A 166 8.50 -28.61 -20.29
N GLU A 167 8.64 -29.20 -19.09
CA GLU A 167 8.50 -28.44 -17.84
C GLU A 167 9.58 -27.36 -17.60
N PRO A 168 9.18 -26.24 -16.99
CA PRO A 168 10.18 -25.21 -16.68
C PRO A 168 10.96 -25.56 -15.40
N ALA A 169 11.96 -24.74 -15.07
CA ALA A 169 12.63 -24.88 -13.78
C ALA A 169 11.71 -24.56 -12.62
N ASP A 170 11.98 -25.23 -11.53
CA ASP A 170 11.27 -24.96 -10.31
C ASP A 170 12.13 -24.08 -9.39
N VAL A 171 11.65 -22.86 -9.13
CA VAL A 171 12.40 -21.86 -8.39
C VAL A 171 11.75 -21.58 -7.02
N VAL A 172 12.55 -21.68 -5.95
CA VAL A 172 12.09 -21.20 -4.65
C VAL A 172 12.84 -20.02 -4.08
N VAL A 173 12.08 -19.03 -3.66
CA VAL A 173 12.63 -17.82 -3.10
C VAL A 173 12.21 -17.77 -1.64
N ILE A 174 13.20 -17.67 -0.75
CA ILE A 174 12.91 -17.62 0.69
C ILE A 174 13.07 -16.16 1.12
N GLY A 175 11.95 -15.56 1.53
CA GLY A 175 11.92 -14.15 1.89
C GLY A 175 11.13 -13.39 0.84
N ALA A 176 10.05 -12.72 1.24
CA ALA A 176 9.25 -11.99 0.30
C ALA A 176 9.42 -10.47 0.49
N GLY A 177 10.61 -10.02 0.86
CA GLY A 177 10.88 -8.57 1.01
C GLY A 177 11.33 -8.01 -0.31
N THR A 178 12.05 -6.89 -0.29
CA THR A 178 12.51 -6.24 -1.54
C THR A 178 13.32 -7.14 -2.50
N ALA A 179 14.35 -7.82 -1.99
CA ALA A 179 15.17 -8.68 -2.82
C ALA A 179 14.36 -9.91 -3.28
N GLY A 180 13.61 -10.54 -2.37
CA GLY A 180 12.83 -11.71 -2.72
C GLY A 180 11.75 -11.41 -3.76
N TYR A 181 11.03 -10.32 -3.57
CA TYR A 181 10.00 -9.90 -4.53
C TYR A 181 10.64 -9.70 -5.92
N ASN A 182 11.80 -9.03 -5.95
CA ASN A 182 12.51 -8.78 -7.20
C ASN A 182 13.10 -10.03 -7.89
N ALA A 183 13.64 -10.96 -7.11
CA ALA A 183 14.11 -12.21 -7.64
C ALA A 183 12.94 -13.02 -8.25
N ALA A 184 11.80 -13.04 -7.53
CA ALA A 184 10.62 -13.79 -7.97
C ALA A 184 10.10 -13.20 -9.26
N ARG A 185 10.06 -11.86 -9.32
CA ARG A 185 9.51 -11.20 -10.47
C ARG A 185 10.33 -11.52 -11.74
N ILE A 186 11.65 -11.46 -11.65
CA ILE A 186 12.47 -11.75 -12.79
C ILE A 186 12.42 -13.26 -13.14
N ALA A 187 12.47 -14.14 -12.13
CA ALA A 187 12.42 -15.58 -12.37
C ALA A 187 11.13 -15.92 -13.11
N ASN A 188 10.03 -15.33 -12.66
CA ASN A 188 8.74 -15.54 -13.27
C ASN A 188 8.73 -15.02 -14.68
N GLY A 189 9.31 -13.84 -14.92
CA GLY A 189 9.40 -13.23 -16.23
C GLY A 189 10.17 -14.07 -17.21
N MET A 190 11.07 -14.90 -16.71
CA MET A 190 11.82 -15.86 -17.53
C MET A 190 11.09 -17.20 -17.76
N GLY A 191 9.86 -17.31 -17.25
CA GLY A 191 9.04 -18.49 -17.46
C GLY A 191 9.15 -19.60 -16.42
N ALA A 192 9.93 -19.39 -15.36
CA ALA A 192 10.05 -20.40 -14.28
C ALA A 192 8.80 -20.48 -13.41
N THR A 193 8.56 -21.61 -12.80
CA THR A 193 7.49 -21.67 -11.84
C THR A 193 8.07 -21.32 -10.46
N VAL A 194 7.51 -20.29 -9.83
CA VAL A 194 8.14 -19.63 -8.69
C VAL A 194 7.28 -19.78 -7.42
N THR A 195 7.90 -20.24 -6.34
CA THR A 195 7.25 -20.28 -5.04
C THR A 195 8.03 -19.41 -4.06
N VAL A 196 7.35 -18.53 -3.35
CA VAL A 196 8.05 -17.77 -2.33
C VAL A 196 7.53 -18.02 -0.91
N LEU A 197 8.46 -18.11 0.02
CA LEU A 197 8.12 -18.38 1.42
C LEU A 197 8.45 -17.18 2.28
N ASP A 198 7.61 -16.89 3.27
CA ASP A 198 7.89 -15.87 4.28
C ASP A 198 7.07 -16.18 5.53
N ILE A 199 7.48 -15.65 6.68
CA ILE A 199 6.74 -15.78 7.93
C ILE A 199 5.72 -14.66 8.05
N ASN A 200 5.92 -13.61 7.25
CA ASN A 200 4.98 -12.53 7.23
C ASN A 200 3.92 -12.77 6.17
N ILE A 201 2.72 -13.12 6.61
CA ILE A 201 1.62 -13.41 5.69
C ILE A 201 1.20 -12.21 4.86
N ASP A 202 1.32 -10.99 5.38
CA ASP A 202 0.94 -9.81 4.61
C ASP A 202 1.82 -9.59 3.42
N LYS A 203 3.10 -9.91 3.54
CA LYS A 203 3.97 -9.89 2.39
C LYS A 203 3.55 -10.95 1.36
N LEU A 204 3.12 -12.12 1.83
CA LEU A 204 2.57 -13.13 0.93
C LEU A 204 1.31 -12.64 0.20
N ARG A 205 0.42 -11.94 0.92
CA ARG A 205 -0.79 -11.33 0.35
C ARG A 205 -0.46 -10.34 -0.76
N GLN A 206 0.54 -9.49 -0.55
CA GLN A 206 0.89 -8.48 -1.55
C GLN A 206 1.34 -9.13 -2.82
N LEU A 207 2.15 -10.16 -2.66
CA LEU A 207 2.71 -10.88 -3.78
C LEU A 207 1.64 -11.70 -4.51
N ASP A 208 0.65 -12.20 -3.78
CA ASP A 208 -0.47 -12.88 -4.40
C ASP A 208 -1.34 -11.92 -5.21
N ALA A 209 -1.43 -10.67 -4.76
CA ALA A 209 -2.31 -9.71 -5.40
C ALA A 209 -1.64 -9.21 -6.65
N GLU A 210 -0.37 -8.85 -6.52
CA GLU A 210 0.35 -8.29 -7.66
C GLU A 210 0.44 -9.21 -8.90
N PHE A 211 0.56 -10.50 -8.70
CA PHE A 211 0.69 -11.38 -9.87
C PHE A 211 -0.52 -12.27 -10.07
N CYS A 212 -1.66 -11.86 -9.53
CA CYS A 212 -2.81 -12.76 -9.42
C CYS A 212 -2.35 -14.15 -8.93
N GLY A 213 -2.69 -15.21 -9.61
CA GLY A 213 -2.18 -16.49 -9.07
C GLY A 213 -0.73 -16.86 -9.39
N ARG A 214 -0.05 -16.07 -10.22
CA ARG A 214 1.12 -16.58 -10.94
C ARG A 214 2.30 -16.95 -10.05
N ILE A 215 2.64 -16.10 -9.09
CA ILE A 215 3.65 -16.47 -8.11
C ILE A 215 3.01 -17.18 -6.90
N HIS A 216 3.39 -18.44 -6.68
CA HIS A 216 2.92 -19.21 -5.55
C HIS A 216 3.53 -18.74 -4.24
N THR A 217 2.69 -18.73 -3.21
CA THR A 217 3.12 -18.32 -1.90
C THR A 217 2.91 -19.45 -0.92
N ARG A 218 3.90 -19.65 -0.08
CA ARG A 218 3.86 -20.68 0.93
C ARG A 218 4.29 -20.05 2.27
N TYR A 219 3.55 -20.33 3.34
CA TYR A 219 3.93 -19.91 4.67
C TYR A 219 5.23 -20.64 5.10
N SER A 220 6.20 -19.90 5.59
CA SER A 220 7.51 -20.49 5.86
C SER A 220 7.63 -21.28 7.17
N SER A 221 7.00 -22.45 7.26
CA SER A 221 7.24 -23.33 8.40
C SER A 221 8.28 -24.31 7.95
N ALA A 222 8.94 -24.98 8.90
CA ALA A 222 10.00 -25.95 8.58
C ALA A 222 9.56 -27.04 7.61
N TYR A 223 8.35 -27.56 7.81
CA TYR A 223 7.79 -28.57 6.91
C TYR A 223 7.66 -28.08 5.44
N GLU A 224 7.04 -26.90 5.27
CA GLU A 224 6.85 -26.27 3.95
C GLU A 224 8.19 -25.90 3.31
N LEU A 225 9.14 -25.44 4.12
CA LEU A 225 10.44 -25.09 3.64
C LEU A 225 11.19 -26.29 3.07
N GLU A 226 11.24 -27.39 3.83
CA GLU A 226 11.82 -28.64 3.35
C GLU A 226 11.20 -29.20 2.07
N GLY A 227 9.87 -29.32 2.05
CA GLY A 227 9.15 -29.75 0.87
C GLY A 227 9.54 -29.03 -0.42
N ALA A 228 9.60 -27.70 -0.35
CA ALA A 228 9.85 -26.86 -1.48
C ALA A 228 11.31 -26.91 -1.94
N VAL A 229 12.23 -26.92 -0.98
CA VAL A 229 13.65 -26.90 -1.30
C VAL A 229 14.07 -28.25 -1.89
N LYS A 230 13.46 -29.32 -1.41
CA LYS A 230 13.74 -30.67 -1.93
C LYS A 230 13.45 -30.77 -3.44
N ARG A 231 12.37 -30.13 -3.90
CA ARG A 231 11.95 -30.19 -5.29
C ARG A 231 12.54 -29.12 -6.22
N ALA A 232 13.29 -28.16 -5.67
CA ALA A 232 13.73 -27.01 -6.43
C ALA A 232 14.96 -27.26 -7.30
N ASP A 233 15.01 -26.61 -8.46
CA ASP A 233 16.23 -26.49 -9.26
C ASP A 233 17.08 -25.28 -8.84
N LEU A 234 16.42 -24.22 -8.39
CA LEU A 234 17.08 -22.97 -8.03
C LEU A 234 16.49 -22.48 -6.73
N VAL A 235 17.32 -22.25 -5.73
CA VAL A 235 16.88 -21.70 -4.47
C VAL A 235 17.57 -20.35 -4.25
N ILE A 236 16.77 -19.33 -3.95
CA ILE A 236 17.29 -17.99 -3.66
C ILE A 236 16.97 -17.59 -2.22
N GLY A 237 18.01 -17.39 -1.41
CA GLY A 237 17.82 -16.98 -0.01
C GLY A 237 17.87 -15.46 0.09
N ALA A 238 16.78 -14.87 0.56
CA ALA A 238 16.64 -13.41 0.57
C ALA A 238 16.02 -12.94 1.89
N VAL A 239 16.48 -13.50 2.97
CA VAL A 239 15.90 -13.32 4.27
C VAL A 239 16.66 -12.21 5.02
N LEU A 240 16.00 -11.52 5.96
CA LEU A 240 16.57 -10.23 6.28
C LEU A 240 16.65 -9.49 7.54
N VAL A 241 16.08 -9.99 8.67
CA VAL A 241 15.90 -9.27 9.99
C VAL A 241 16.86 -8.10 10.21
N PRO A 242 16.36 -6.87 10.09
CA PRO A 242 17.14 -5.65 9.82
C PRO A 242 18.63 -5.51 10.23
N GLY A 243 18.98 -5.67 11.49
CA GLY A 243 20.43 -5.54 11.79
C GLY A 243 21.13 -6.81 12.24
N ALA A 244 20.41 -7.92 12.16
CA ALA A 244 20.82 -9.16 12.79
C ALA A 244 21.57 -10.09 11.86
N LYS A 245 22.10 -11.15 12.47
CA LYS A 245 22.91 -12.13 11.82
C LYS A 245 22.26 -12.91 10.68
N ALA A 246 20.99 -13.28 10.75
CA ALA A 246 20.42 -14.12 9.65
C ALA A 246 20.42 -15.58 10.02
N PRO A 247 19.21 -16.15 10.09
CA PRO A 247 18.96 -17.49 10.55
C PRO A 247 19.49 -18.48 9.52
N LYS A 248 20.00 -19.63 9.97
CA LYS A 248 20.36 -20.69 9.05
C LYS A 248 19.10 -21.47 8.79
N LEU A 249 18.56 -21.35 7.59
CA LEU A 249 17.27 -21.92 7.28
C LEU A 249 17.40 -23.23 6.53
N VAL A 250 18.51 -23.39 5.82
CA VAL A 250 18.74 -24.55 4.99
C VAL A 250 20.00 -25.27 5.45
N SER A 251 19.80 -26.43 6.07
CA SER A 251 20.92 -27.21 6.60
C SER A 251 21.62 -27.99 5.50
N ASN A 252 22.86 -28.38 5.76
CA ASN A 252 23.66 -29.22 4.87
C ASN A 252 23.04 -30.61 4.64
N SER A 253 22.40 -31.12 5.68
CA SER A 253 21.69 -32.37 5.58
C SER A 253 20.56 -32.23 4.55
N LEU A 254 19.81 -31.13 4.63
CA LEU A 254 18.80 -30.81 3.60
C LEU A 254 19.38 -30.75 2.16
N VAL A 255 20.47 -30.01 1.99
CA VAL A 255 21.10 -29.94 0.66
C VAL A 255 21.54 -31.30 0.10
N ALA A 256 21.92 -32.22 0.99
CA ALA A 256 22.23 -33.58 0.61
C ALA A 256 21.05 -34.33 -0.03
N HIS A 257 19.82 -33.87 0.21
CA HIS A 257 18.62 -34.49 -0.40
C HIS A 257 18.09 -33.72 -1.61
N MET A 258 18.88 -32.79 -2.13
CA MET A 258 18.44 -31.99 -3.26
C MET A 258 18.80 -32.67 -4.59
N LYS A 259 18.11 -32.33 -5.66
CA LYS A 259 18.49 -32.83 -6.97
C LYS A 259 19.95 -32.44 -7.29
N PRO A 260 20.73 -33.37 -7.81
CA PRO A 260 22.09 -33.05 -8.29
C PRO A 260 22.14 -31.87 -9.29
N GLY A 261 23.09 -30.97 -9.13
CA GLY A 261 23.20 -29.78 -10.02
C GLY A 261 22.28 -28.58 -9.70
N ALA A 262 21.46 -28.70 -8.66
CA ALA A 262 20.68 -27.58 -8.18
C ALA A 262 21.59 -26.38 -7.83
N VAL A 263 21.06 -25.16 -7.97
CA VAL A 263 21.83 -24.01 -7.58
C VAL A 263 21.17 -23.21 -6.48
N LEU A 264 22.00 -22.80 -5.52
CA LEU A 264 21.55 -22.03 -4.38
C LEU A 264 22.28 -20.69 -4.41
N VAL A 265 21.51 -19.61 -4.47
CA VAL A 265 22.06 -18.25 -4.44
C VAL A 265 21.72 -17.64 -3.09
N ASP A 266 22.74 -17.28 -2.31
CA ASP A 266 22.48 -16.73 -0.97
C ASP A 266 22.66 -15.24 -0.99
N ILE A 267 21.59 -14.51 -1.27
CA ILE A 267 21.65 -13.05 -1.25
C ILE A 267 21.93 -12.57 0.17
N ALA A 268 21.57 -13.36 1.16
CA ALA A 268 21.71 -12.93 2.54
C ALA A 268 23.10 -13.20 3.11
N ILE A 269 24.08 -13.37 2.22
CA ILE A 269 25.46 -13.67 2.61
C ILE A 269 26.15 -12.51 3.32
N ASP A 270 25.98 -11.26 2.84
CA ASP A 270 26.41 -10.10 3.62
C ASP A 270 25.55 -10.36 4.79
N GLN A 271 25.80 -9.91 5.99
CA GLN A 271 24.77 -10.41 6.98
C GLN A 271 24.87 -11.89 7.47
N GLY A 272 25.66 -12.75 6.85
CA GLY A 272 25.93 -14.08 7.43
C GLY A 272 25.57 -15.33 6.64
N GLY A 273 24.63 -15.25 5.70
CA GLY A 273 24.18 -16.41 4.96
C GLY A 273 22.98 -17.06 5.62
N CYS A 274 21.98 -17.45 4.83
CA CYS A 274 20.85 -18.17 5.40
C CYS A 274 20.88 -19.66 5.08
N PHE A 275 21.94 -20.09 4.41
CA PHE A 275 22.18 -21.52 4.23
C PHE A 275 23.32 -21.89 5.15
N GLU A 276 23.23 -23.06 5.73
CA GLU A 276 24.31 -23.52 6.59
C GLU A 276 25.68 -23.48 5.92
N GLY A 277 25.76 -23.95 4.67
CA GLY A 277 27.03 -24.07 3.99
C GLY A 277 27.56 -22.80 3.36
N SER A 278 26.85 -21.68 3.50
CA SER A 278 27.26 -20.45 2.84
C SER A 278 28.54 -19.84 3.39
N ARG A 279 29.28 -19.19 2.49
CA ARG A 279 30.50 -18.54 2.84
C ARG A 279 30.73 -17.44 1.79
N PRO A 280 31.16 -16.23 2.19
CA PRO A 280 31.31 -15.19 1.17
C PRO A 280 32.28 -15.52 0.05
N THR A 281 31.81 -15.40 -1.20
CA THR A 281 32.68 -15.61 -2.36
C THR A 281 32.84 -14.28 -3.09
N THR A 282 33.66 -14.28 -4.14
CA THR A 282 33.85 -13.07 -4.95
C THR A 282 33.52 -13.33 -6.41
N TYR A 283 33.43 -12.25 -7.19
CA TYR A 283 33.20 -12.36 -8.64
C TYR A 283 34.28 -13.11 -9.42
N ASP A 284 35.50 -13.21 -8.87
CA ASP A 284 36.56 -14.04 -9.45
C ASP A 284 36.33 -15.53 -9.20
N HIS A 285 35.77 -15.91 -8.05
CA HIS A 285 35.46 -17.32 -7.72
C HIS A 285 34.11 -17.37 -7.08
N PRO A 286 33.04 -17.17 -7.88
CA PRO A 286 31.72 -16.99 -7.30
C PRO A 286 31.08 -18.24 -6.69
N THR A 287 31.43 -19.44 -7.14
CA THR A 287 30.71 -20.62 -6.74
C THR A 287 31.58 -21.69 -6.09
N PHE A 288 30.95 -22.58 -5.33
CA PHE A 288 31.64 -23.77 -4.83
C PHE A 288 30.60 -24.88 -4.67
N ALA A 289 31.05 -26.11 -4.50
CA ALA A 289 30.15 -27.25 -4.38
C ALA A 289 29.84 -27.64 -2.93
N VAL A 290 28.62 -28.13 -2.72
CA VAL A 290 28.18 -28.66 -1.46
C VAL A 290 27.21 -29.80 -1.81
N HIS A 291 27.66 -31.04 -1.60
CA HIS A 291 26.89 -32.25 -1.88
C HIS A 291 26.24 -32.27 -3.26
N ASP A 292 27.00 -32.03 -4.33
CA ASP A 292 26.34 -32.08 -5.66
C ASP A 292 25.47 -30.89 -6.03
N THR A 293 25.31 -29.93 -5.13
CA THR A 293 24.70 -28.69 -5.54
C THR A 293 25.78 -27.64 -5.68
N LEU A 294 25.40 -26.53 -6.30
CA LEU A 294 26.30 -25.45 -6.59
C LEU A 294 25.82 -24.22 -5.83
N PHE A 295 26.70 -23.62 -5.02
CA PHE A 295 26.37 -22.47 -4.20
C PHE A 295 26.93 -21.25 -4.84
N TYR A 296 26.17 -20.16 -4.78
CA TYR A 296 26.63 -18.90 -5.32
C TYR A 296 26.45 -17.90 -4.18
N CYS A 297 27.53 -17.23 -3.80
CA CYS A 297 27.55 -16.55 -2.53
C CYS A 297 28.25 -15.21 -2.53
N VAL A 298 28.21 -14.54 -3.67
CA VAL A 298 28.87 -13.24 -3.84
C VAL A 298 28.25 -12.25 -2.86
N ALA A 299 29.03 -11.81 -1.85
CA ALA A 299 28.69 -10.65 -1.01
C ALA A 299 28.80 -9.63 -2.11
N ASN A 300 28.48 -8.35 -1.98
CA ASN A 300 28.91 -7.51 -3.18
C ASN A 300 28.16 -7.53 -4.54
N MET A 301 27.07 -8.29 -4.67
CA MET A 301 26.38 -8.52 -5.98
C MET A 301 26.19 -7.34 -6.91
N PRO A 302 25.63 -6.23 -6.40
CA PRO A 302 25.36 -5.10 -7.32
C PRO A 302 26.57 -4.48 -8.02
N ALA A 303 27.78 -4.85 -7.60
CA ALA A 303 29.00 -4.27 -8.17
C ALA A 303 29.20 -4.56 -9.66
N SER A 304 28.67 -5.68 -10.15
CA SER A 304 28.82 -6.05 -11.57
C SER A 304 27.98 -5.22 -12.55
N VAL A 305 27.01 -4.46 -12.06
CA VAL A 305 26.21 -3.60 -12.94
C VAL A 305 26.25 -2.16 -12.49
N PRO A 306 27.46 -1.58 -12.39
CA PRO A 306 27.63 -0.28 -11.72
C PRO A 306 26.89 0.85 -12.43
N LYS A 307 26.77 0.77 -13.74
CA LYS A 307 25.97 1.74 -14.47
C LYS A 307 24.56 1.87 -13.92
N THR A 308 23.98 0.77 -13.45
CA THR A 308 22.68 0.77 -12.85
C THR A 308 22.81 1.08 -11.35
N SER A 309 23.72 0.36 -10.67
CA SER A 309 23.66 0.35 -9.22
C SER A 309 24.29 1.58 -8.54
N THR A 310 25.33 2.15 -9.11
CA THR A 310 25.82 3.45 -8.60
C THR A 310 24.74 4.55 -8.58
N TYR A 311 24.00 4.68 -9.69
CA TYR A 311 22.92 5.64 -9.69
C TYR A 311 21.77 5.28 -8.77
N ALA A 312 21.39 4.02 -8.71
CA ALA A 312 20.35 3.60 -7.81
C ALA A 312 20.73 3.89 -6.34
N LEU A 313 21.98 3.67 -5.98
CA LEU A 313 22.39 3.89 -4.61
C LEU A 313 22.40 5.37 -4.26
N THR A 314 23.06 6.18 -5.07
CA THR A 314 23.28 7.57 -4.75
C THR A 314 22.01 8.42 -4.89
N ASN A 315 21.09 8.00 -5.73
CA ASN A 315 19.78 8.62 -5.75
C ASN A 315 19.08 8.53 -4.38
N ALA A 316 19.31 7.42 -3.65
CA ALA A 316 18.68 7.21 -2.35
C ALA A 316 19.48 7.87 -1.20
N THR A 317 20.79 7.75 -1.24
CA THR A 317 21.66 8.24 -0.14
C THR A 317 21.84 9.76 -0.08
N MET A 318 21.88 10.45 -1.21
CA MET A 318 22.14 11.90 -1.24
C MET A 318 21.40 12.79 -0.24
N PRO A 319 20.06 12.64 -0.13
CA PRO A 319 19.38 13.51 0.86
C PRO A 319 19.93 13.32 2.28
N TYR A 320 20.35 12.10 2.61
CA TYR A 320 20.88 11.82 3.93
C TYR A 320 22.33 12.35 4.05
N VAL A 321 23.10 12.26 2.98
CA VAL A 321 24.45 12.82 2.95
C VAL A 321 24.41 14.32 3.21
N LEU A 322 23.44 14.99 2.59
CA LEU A 322 23.23 16.42 2.74
C LEU A 322 22.88 16.84 4.18
N GLU A 323 22.00 16.09 4.83
CA GLU A 323 21.68 16.36 6.22
C GLU A 323 22.87 16.21 7.14
N LEU A 324 23.68 15.18 6.91
CA LEU A 324 24.89 14.99 7.70
C LEU A 324 25.91 16.12 7.48
N ALA A 325 26.15 16.47 6.22
CA ALA A 325 27.14 17.51 5.92
C ALA A 325 26.77 18.89 6.49
N ASP A 326 25.48 19.25 6.41
CA ASP A 326 25.00 20.55 6.85
C ASP A 326 24.99 20.69 8.36
N HIS A 327 24.62 19.63 9.07
CA HIS A 327 24.35 19.72 10.51
C HIS A 327 25.32 18.97 11.40
N GLY A 328 26.20 18.15 10.83
CA GLY A 328 26.99 17.24 11.64
C GLY A 328 26.17 16.07 12.16
N TRP A 329 26.84 15.02 12.63
CA TRP A 329 26.18 13.75 12.88
C TRP A 329 25.10 13.77 13.97
N ARG A 330 25.40 14.30 15.17
CA ARG A 330 24.32 14.47 16.16
C ARG A 330 23.62 15.77 15.86
N ALA A 331 22.31 15.76 15.84
CA ALA A 331 21.59 16.93 15.30
C ALA A 331 20.93 16.46 14.04
N ALA A 332 21.72 15.94 13.12
CA ALA A 332 21.17 15.22 11.98
C ALA A 332 20.41 14.02 12.52
N CYS A 333 21.02 13.30 13.46
CA CYS A 333 20.40 12.16 14.13
C CYS A 333 19.32 12.53 15.14
N ARG A 334 19.42 13.71 15.73
CA ARG A 334 18.36 14.22 16.61
C ARG A 334 17.12 14.61 15.79
N SER A 335 17.34 15.18 14.60
CA SER A 335 16.25 15.63 13.72
C SER A 335 15.62 14.52 12.92
N ASN A 336 16.40 13.50 12.61
CA ASN A 336 15.98 12.46 11.71
C ASN A 336 16.09 11.10 12.36
N PRO A 337 14.98 10.61 12.92
CA PRO A 337 14.99 9.31 13.62
C PRO A 337 15.41 8.13 12.72
N ALA A 338 15.14 8.22 11.42
CA ALA A 338 15.60 7.20 10.46
C ALA A 338 17.14 7.08 10.43
N LEU A 339 17.80 8.23 10.38
CA LEU A 339 19.25 8.30 10.46
C LEU A 339 19.77 7.81 11.81
N ALA A 340 19.11 8.18 12.90
CA ALA A 340 19.47 7.70 14.23
C ALA A 340 19.53 6.17 14.32
N LYS A 341 18.61 5.51 13.63
CA LYS A 341 18.52 4.05 13.63
C LYS A 341 19.73 3.39 12.95
N GLY A 342 20.42 4.13 12.08
CA GLY A 342 21.65 3.67 11.48
C GLY A 342 22.94 3.82 12.31
N LEU A 343 22.85 4.51 13.45
CA LEU A 343 23.99 4.75 14.33
C LEU A 343 24.53 3.45 14.86
N SER A 344 25.80 3.21 14.62
CA SER A 344 26.38 1.91 14.93
C SER A 344 27.49 1.97 15.97
N THR A 345 28.28 3.03 15.87
CA THR A 345 29.56 3.12 16.53
C THR A 345 29.84 4.59 16.86
N HIS A 346 30.34 4.83 18.07
CA HIS A 346 30.90 6.13 18.44
C HIS A 346 31.84 6.05 19.65
N GLU A 347 33.05 6.59 19.50
CA GLU A 347 34.07 6.59 20.56
C GLU A 347 34.10 5.28 21.40
N GLY A 348 34.20 4.14 20.73
CA GLY A 348 34.33 2.85 21.39
C GLY A 348 33.05 2.22 21.87
N ALA A 349 31.92 2.90 21.66
CA ALA A 349 30.61 2.38 22.08
C ALA A 349 29.85 1.77 20.91
N LEU A 350 29.28 0.59 21.13
CA LEU A 350 28.42 -0.05 20.13
C LEU A 350 26.97 0.37 20.37
N LEU A 351 26.38 0.99 19.36
CA LEU A 351 25.08 1.68 19.47
C LEU A 351 23.90 0.90 18.91
N SER A 352 24.18 -0.28 18.38
CA SER A 352 23.15 -1.14 17.82
C SER A 352 22.91 -2.36 18.71
N GLU A 353 21.66 -2.53 19.13
CA GLU A 353 21.29 -3.63 20.02
C GLU A 353 21.34 -5.00 19.34
N ARG A 354 20.89 -5.08 18.10
CA ARG A 354 20.89 -6.34 17.40
C ARG A 354 22.32 -6.82 17.20
N VAL A 355 23.21 -5.94 16.76
CA VAL A 355 24.60 -6.32 16.61
C VAL A 355 25.20 -6.77 17.94
N ALA A 356 24.94 -6.01 18.99
CA ALA A 356 25.43 -6.32 20.33
C ALA A 356 24.97 -7.68 20.85
N THR A 357 23.69 -7.97 20.78
CA THR A 357 23.26 -9.29 21.23
C THR A 357 23.82 -10.42 20.37
N ASP A 358 23.91 -10.24 19.06
CA ASP A 358 24.53 -11.28 18.20
C ASP A 358 26.02 -11.48 18.45
N LEU A 359 26.75 -10.42 18.78
CA LEU A 359 28.20 -10.53 18.91
C LEU A 359 28.59 -10.93 20.32
N GLY A 360 27.59 -11.27 21.11
CA GLY A 360 27.83 -11.64 22.47
C GLY A 360 28.14 -10.32 23.08
N VAL A 361 28.79 -10.32 24.23
CA VAL A 361 28.92 -9.11 24.99
C VAL A 361 28.69 -7.79 24.19
N PRO A 362 29.70 -7.38 23.43
CA PRO A 362 29.96 -5.98 23.60
C PRO A 362 29.10 -5.30 24.69
N PHE A 363 27.81 -5.16 24.43
CA PHE A 363 26.92 -4.41 25.30
C PHE A 363 26.56 -3.18 24.51
N THR A 364 25.27 -2.84 24.52
CA THR A 364 24.71 -1.65 23.89
C THR A 364 25.03 -0.41 24.73
N GLU A 365 25.06 0.76 24.06
CA GLU A 365 24.61 2.04 24.61
C GLU A 365 23.53 2.40 23.63
N PRO A 366 22.39 2.98 24.08
CA PRO A 366 21.30 3.23 23.10
C PRO A 366 21.42 4.44 22.13
N ALA A 367 21.71 5.62 22.68
CA ALA A 367 21.42 6.95 22.07
C ALA A 367 21.09 7.89 23.25
N SER A 368 21.95 7.76 24.25
CA SER A 368 22.20 8.71 25.30
C SER A 368 23.52 9.35 24.88
N VAL A 369 23.92 9.07 23.65
CA VAL A 369 25.00 9.70 22.94
C VAL A 369 24.45 10.93 22.18
N LEU A 370 23.12 11.00 22.15
CA LEU A 370 22.39 12.10 21.53
C LEU A 370 21.96 13.14 22.56
N ALA A 371 22.21 12.83 23.84
CA ALA A 371 22.30 13.82 24.94
C ALA A 371 21.04 14.54 25.27
N MET B 1 -28.98 25.16 9.80
CA MET B 1 -28.07 25.85 8.80
C MET B 1 -28.50 25.76 7.32
N ARG B 2 -28.10 26.77 6.55
CA ARG B 2 -28.59 27.02 5.19
C ARG B 2 -27.45 26.84 4.18
N VAL B 3 -27.64 25.93 3.22
CA VAL B 3 -26.59 25.51 2.28
C VAL B 3 -26.91 25.99 0.86
N GLY B 4 -26.04 26.80 0.29
CA GLY B 4 -26.30 27.35 -1.03
C GLY B 4 -25.37 26.88 -2.12
N ILE B 5 -25.93 26.61 -3.29
CA ILE B 5 -25.16 26.20 -4.45
C ILE B 5 -25.56 27.08 -5.62
N PRO B 6 -24.68 27.99 -6.06
CA PRO B 6 -24.93 28.79 -7.26
C PRO B 6 -24.45 28.12 -8.57
N THR B 7 -24.92 28.63 -9.70
CA THR B 7 -24.41 28.20 -11.00
C THR B 7 -22.95 28.61 -11.16
N GLU B 8 -22.13 27.69 -11.67
CA GLU B 8 -20.73 27.99 -11.97
C GLU B 8 -20.63 28.96 -13.16
N THR B 9 -19.79 29.98 -13.03
CA THR B 9 -19.75 31.08 -14.01
C THR B 9 -18.48 31.11 -14.82
N LYS B 10 -17.50 30.30 -14.44
CA LYS B 10 -16.25 30.25 -15.19
C LYS B 10 -16.50 29.68 -16.60
N ASN B 11 -15.64 30.05 -17.55
CA ASN B 11 -15.81 29.68 -18.95
C ASN B 11 -15.87 28.18 -19.12
N ASN B 12 -16.98 27.71 -19.67
CA ASN B 12 -17.18 26.29 -20.01
C ASN B 12 -17.18 25.40 -18.78
N GLU B 13 -17.56 25.95 -17.65
CA GLU B 13 -17.64 25.15 -16.44
C GLU B 13 -19.01 24.48 -16.32
N PHE B 14 -19.09 23.18 -16.58
CA PHE B 14 -20.38 22.48 -16.64
C PHE B 14 -20.71 21.71 -15.38
N ARG B 15 -19.77 21.65 -14.44
CA ARG B 15 -19.98 20.92 -13.20
C ARG B 15 -20.91 21.68 -12.28
N VAL B 16 -21.46 20.99 -11.28
CA VAL B 16 -22.17 21.64 -10.22
C VAL B 16 -21.69 21.02 -8.91
N ALA B 17 -21.68 21.77 -7.81
CA ALA B 17 -21.10 21.30 -6.54
C ALA B 17 -21.96 20.31 -5.72
N ILE B 18 -23.15 19.96 -6.20
CA ILE B 18 -24.00 19.00 -5.49
C ILE B 18 -24.93 18.29 -6.46
N THR B 19 -25.38 17.10 -6.06
CA THR B 19 -26.32 16.30 -6.84
C THR B 19 -27.56 16.05 -5.97
N PRO B 20 -28.68 15.58 -6.59
CA PRO B 20 -29.90 15.30 -5.83
C PRO B 20 -29.69 14.45 -4.58
N ALA B 21 -28.85 13.43 -4.68
CA ALA B 21 -28.60 12.55 -3.55
C ALA B 21 -28.11 13.33 -2.34
N GLY B 22 -27.18 14.27 -2.57
CA GLY B 22 -26.63 15.13 -1.52
C GLY B 22 -27.65 16.10 -0.93
N VAL B 23 -28.45 16.71 -1.79
CA VAL B 23 -29.56 17.55 -1.38
C VAL B 23 -30.46 16.80 -0.42
N ALA B 24 -30.86 15.59 -0.83
CA ALA B 24 -31.74 14.73 -0.02
C ALA B 24 -31.16 14.48 1.37
N GLU B 25 -29.87 14.14 1.45
CA GLU B 25 -29.20 13.94 2.74
C GLU B 25 -29.20 15.19 3.64
N LEU B 26 -28.85 16.34 3.08
CA LEU B 26 -28.88 17.61 3.80
C LEU B 26 -30.27 17.91 4.39
N THR B 27 -31.29 17.80 3.54
CA THR B 27 -32.70 18.03 3.87
C THR B 27 -33.18 17.09 4.97
N ARG B 28 -32.90 15.80 4.81
CA ARG B 28 -33.28 14.79 5.79
C ARG B 28 -32.76 15.18 7.17
N ARG B 29 -31.59 15.82 7.21
CA ARG B 29 -30.98 16.26 8.46
C ARG B 29 -31.50 17.63 8.96
N GLY B 30 -32.44 18.22 8.22
CA GLY B 30 -33.08 19.47 8.64
C GLY B 30 -32.45 20.75 8.15
N HIS B 31 -31.52 20.66 7.21
CA HIS B 31 -30.91 21.87 6.64
C HIS B 31 -31.71 22.31 5.42
N GLU B 32 -31.61 23.61 5.10
CA GLU B 32 -32.27 24.12 3.92
C GLU B 32 -31.23 24.24 2.81
N VAL B 33 -31.62 23.83 1.60
CA VAL B 33 -30.74 23.83 0.44
C VAL B 33 -31.30 24.77 -0.63
N LEU B 34 -30.51 25.80 -0.94
CA LEU B 34 -30.89 26.79 -1.93
C LEU B 34 -30.02 26.62 -3.15
N ILE B 35 -30.65 26.55 -4.33
CA ILE B 35 -29.95 26.27 -5.56
C ILE B 35 -30.36 27.26 -6.64
N GLN B 36 -29.38 27.90 -7.26
CA GLN B 36 -29.67 28.77 -8.37
C GLN B 36 -30.33 27.92 -9.46
N ALA B 37 -31.40 28.46 -10.04
CA ALA B 37 -32.12 27.82 -11.13
C ALA B 37 -31.17 27.56 -12.29
N GLY B 38 -31.17 26.32 -12.79
CA GLY B 38 -30.31 25.94 -13.92
C GLY B 38 -28.87 25.60 -13.56
N ALA B 39 -28.55 25.51 -12.27
CA ALA B 39 -27.17 25.23 -11.84
C ALA B 39 -26.67 23.87 -12.30
N GLY B 40 -27.57 22.89 -12.35
CA GLY B 40 -27.24 21.52 -12.74
C GLY B 40 -27.43 21.22 -14.22
N GLU B 41 -27.71 22.22 -15.03
CA GLU B 41 -28.03 21.99 -16.42
C GLU B 41 -26.83 21.41 -17.19
N GLY B 42 -25.63 21.98 -16.94
CA GLY B 42 -24.40 21.47 -17.53
C GLY B 42 -24.17 19.99 -17.30
N SER B 43 -24.59 19.49 -16.15
CA SER B 43 -24.41 18.11 -15.77
C SER B 43 -25.66 17.26 -16.01
N ALA B 44 -26.63 17.80 -16.74
CA ALA B 44 -27.88 17.09 -17.05
C ALA B 44 -28.71 16.79 -15.80
N ILE B 45 -28.62 17.69 -14.82
CA ILE B 45 -29.46 17.61 -13.64
C ILE B 45 -30.49 18.76 -13.70
N THR B 46 -31.76 18.41 -13.80
CA THR B 46 -32.83 19.38 -14.06
C THR B 46 -33.21 20.10 -12.77
N ASP B 47 -33.79 21.30 -12.90
CA ASP B 47 -34.31 22.00 -11.73
C ASP B 47 -35.32 21.10 -10.99
N ALA B 48 -36.13 20.37 -11.77
CA ALA B 48 -37.12 19.43 -11.23
C ALA B 48 -36.50 18.31 -10.36
N ASP B 49 -35.36 17.77 -10.79
CA ASP B 49 -34.63 16.74 -10.01
C ASP B 49 -34.18 17.28 -8.66
N PHE B 50 -33.75 18.54 -8.67
CA PHE B 50 -33.32 19.22 -7.45
C PHE B 50 -34.48 19.46 -6.46
N LYS B 51 -35.60 19.98 -6.98
CA LYS B 51 -36.83 20.15 -6.18
C LYS B 51 -37.24 18.84 -5.52
N ALA B 52 -37.41 17.80 -6.32
CA ALA B 52 -37.83 16.49 -5.82
C ALA B 52 -37.02 16.04 -4.61
N ALA B 53 -35.77 16.49 -4.52
CA ALA B 53 -34.94 16.08 -3.38
C ALA B 53 -35.04 17.02 -2.17
N GLY B 54 -35.76 18.13 -2.34
CA GLY B 54 -36.05 19.05 -1.24
C GLY B 54 -35.39 20.41 -1.31
N ALA B 55 -34.92 20.80 -2.48
CA ALA B 55 -34.19 22.06 -2.63
C ALA B 55 -35.14 23.17 -2.98
N GLN B 56 -34.87 24.38 -2.47
CA GLN B 56 -35.57 25.57 -2.93
C GLN B 56 -34.80 26.16 -4.09
N LEU B 57 -35.47 26.30 -5.24
CA LEU B 57 -34.88 26.97 -6.38
C LEU B 57 -34.97 28.48 -6.24
N VAL B 58 -33.94 29.17 -6.68
CA VAL B 58 -33.87 30.61 -6.54
C VAL B 58 -33.50 31.19 -7.90
N GLY B 59 -34.18 32.26 -8.28
CA GLY B 59 -34.05 32.82 -9.62
C GLY B 59 -32.70 33.41 -9.95
N THR B 60 -32.02 34.00 -8.98
CA THR B 60 -30.77 34.71 -9.25
C THR B 60 -29.61 34.25 -8.36
N ALA B 61 -28.38 34.49 -8.84
CA ALA B 61 -27.17 34.24 -8.07
C ALA B 61 -27.17 34.97 -6.72
N ASP B 62 -27.53 36.26 -6.74
CA ASP B 62 -27.43 37.14 -5.56
C ASP B 62 -28.13 36.60 -4.33
N GLN B 63 -29.29 35.98 -4.55
CA GLN B 63 -30.06 35.41 -3.45
C GLN B 63 -29.42 34.17 -2.85
N VAL B 64 -28.59 33.46 -3.62
CA VAL B 64 -27.90 32.29 -3.09
C VAL B 64 -26.75 32.75 -2.20
N TRP B 65 -25.95 33.70 -2.68
CA TRP B 65 -24.83 34.23 -1.91
C TRP B 65 -25.19 34.93 -0.61
N ALA B 66 -26.18 35.83 -0.66
CA ALA B 66 -26.82 36.35 0.55
C ALA B 66 -27.75 35.23 0.97
N ASP B 67 -27.97 35.01 2.25
CA ASP B 67 -28.88 33.90 2.68
C ASP B 67 -28.18 32.62 3.07
N ALA B 68 -27.23 32.15 2.24
CA ALA B 68 -26.54 30.88 2.54
C ALA B 68 -25.44 31.03 3.58
N ASP B 69 -25.48 30.20 4.62
CA ASP B 69 -24.41 30.15 5.60
C ASP B 69 -23.21 29.37 5.07
N LEU B 70 -23.49 28.32 4.30
CA LEU B 70 -22.46 27.48 3.74
C LEU B 70 -22.62 27.53 2.26
N LEU B 71 -21.62 28.10 1.59
CA LEU B 71 -21.67 28.21 0.16
C LEU B 71 -20.76 27.16 -0.51
N LEU B 72 -21.38 26.18 -1.18
CA LEU B 72 -20.69 25.15 -1.95
C LEU B 72 -20.46 25.58 -3.40
N LYS B 73 -19.20 25.62 -3.82
CA LYS B 73 -18.88 25.84 -5.25
C LYS B 73 -17.94 24.73 -5.80
N VAL B 74 -17.65 24.80 -7.09
CA VAL B 74 -16.63 23.97 -7.69
C VAL B 74 -15.36 24.78 -7.92
N LYS B 75 -15.51 25.95 -8.55
CA LYS B 75 -14.36 26.81 -8.89
C LYS B 75 -14.22 27.98 -7.94
N GLU B 76 -13.10 28.70 -8.05
CA GLU B 76 -12.89 29.90 -7.21
C GLU B 76 -13.85 31.05 -7.60
N PRO B 77 -14.16 31.94 -6.65
CA PRO B 77 -14.88 33.16 -7.01
C PRO B 77 -14.13 33.90 -8.10
N ILE B 78 -14.82 34.30 -9.15
CA ILE B 78 -14.19 35.09 -10.18
C ILE B 78 -14.52 36.59 -9.92
N ALA B 79 -13.84 37.50 -10.60
CA ALA B 79 -13.93 38.95 -10.30
C ALA B 79 -15.34 39.48 -10.08
N ALA B 80 -16.22 39.21 -11.06
CA ALA B 80 -17.65 39.57 -10.96
C ALA B 80 -18.35 39.05 -9.70
N GLU B 81 -17.73 38.13 -8.97
CA GLU B 81 -18.33 37.56 -7.77
C GLU B 81 -17.70 38.09 -6.48
N TYR B 82 -16.60 38.84 -6.58
CA TYR B 82 -15.90 39.38 -5.39
C TYR B 82 -16.83 40.16 -4.44
N GLY B 83 -17.71 40.99 -5.02
CA GLY B 83 -18.74 41.71 -4.28
C GLY B 83 -19.80 40.88 -3.55
N ARG B 84 -19.95 39.61 -3.92
CA ARG B 84 -20.92 38.71 -3.27
C ARG B 84 -20.39 38.06 -1.98
N LEU B 85 -19.06 38.09 -1.81
CA LEU B 85 -18.40 37.58 -0.62
C LEU B 85 -18.82 38.28 0.70
N ARG B 86 -19.25 37.47 1.68
CA ARG B 86 -19.83 37.96 2.93
C ARG B 86 -19.00 37.58 4.13
N HIS B 87 -19.20 38.29 5.23
CA HIS B 87 -18.40 38.10 6.42
C HIS B 87 -18.73 36.83 7.23
N GLY B 88 -20.01 36.54 7.42
CA GLY B 88 -20.34 35.42 8.31
C GLY B 88 -20.70 34.14 7.56
N GLN B 89 -19.92 33.81 6.52
CA GLN B 89 -20.26 32.76 5.57
C GLN B 89 -19.09 31.82 5.38
N ILE B 90 -19.40 30.53 5.24
CA ILE B 90 -18.40 29.51 4.93
C ILE B 90 -18.36 29.22 3.43
N LEU B 91 -17.19 29.39 2.83
CA LEU B 91 -17.02 29.04 1.41
C LEU B 91 -16.14 27.81 1.28
N PHE B 92 -16.67 26.82 0.56
CA PHE B 92 -16.03 25.53 0.39
C PHE B 92 -15.98 25.27 -1.10
N THR B 93 -14.78 25.31 -1.70
CA THR B 93 -14.61 25.15 -3.15
C THR B 93 -13.13 24.89 -3.46
N PHE B 94 -12.77 24.79 -4.74
CA PHE B 94 -11.35 24.77 -5.12
C PHE B 94 -10.88 26.20 -5.20
N LEU B 95 -9.83 26.53 -4.46
CA LEU B 95 -9.36 27.91 -4.37
C LEU B 95 -8.06 28.21 -5.10
N HIS B 96 -7.03 27.38 -4.93
CA HIS B 96 -5.73 27.58 -5.61
C HIS B 96 -5.11 28.95 -5.32
N LEU B 97 -5.14 29.33 -4.04
CA LEU B 97 -4.81 30.69 -3.61
C LEU B 97 -3.39 31.13 -3.95
N ALA B 98 -2.43 30.22 -3.83
CA ALA B 98 -1.04 30.53 -4.17
C ALA B 98 -0.88 31.03 -5.62
N ALA B 99 -1.89 30.82 -6.46
CA ALA B 99 -1.79 31.19 -7.87
C ALA B 99 -2.55 32.46 -8.16
N SER B 100 -3.32 32.96 -7.20
CA SER B 100 -4.03 34.22 -7.40
C SER B 100 -4.00 35.18 -6.19
N ARG B 101 -3.17 36.21 -6.31
CA ARG B 101 -3.14 37.31 -5.31
C ARG B 101 -4.50 37.99 -5.24
N ALA B 102 -5.10 38.25 -6.39
CA ALA B 102 -6.39 38.94 -6.45
C ALA B 102 -7.52 38.21 -5.72
N CYS B 103 -7.64 36.91 -5.96
CA CYS B 103 -8.70 36.14 -5.32
C CYS B 103 -8.44 36.01 -3.81
N THR B 104 -7.19 35.82 -3.42
CA THR B 104 -6.80 35.76 -2.00
C THR B 104 -7.13 37.09 -1.32
N ASP B 105 -6.72 38.18 -1.96
CA ASP B 105 -7.01 39.50 -1.49
C ASP B 105 -8.51 39.71 -1.26
N ALA B 106 -9.33 39.36 -2.25
CA ALA B 106 -10.77 39.51 -2.11
C ALA B 106 -11.36 38.66 -0.99
N LEU B 107 -10.79 37.48 -0.74
CA LEU B 107 -11.29 36.66 0.36
C LEU B 107 -10.93 37.29 1.69
N LEU B 108 -9.68 37.77 1.78
CA LEU B 108 -9.20 38.42 3.00
C LEU B 108 -10.02 39.67 3.34
N ASP B 109 -10.20 40.53 2.34
CA ASP B 109 -10.90 41.79 2.48
C ASP B 109 -12.36 41.62 2.88
N SER B 110 -13.01 40.59 2.38
CA SER B 110 -14.42 40.41 2.66
C SER B 110 -14.65 39.77 4.03
N GLY B 111 -13.60 39.23 4.64
CA GLY B 111 -13.72 38.57 5.95
C GLY B 111 -14.38 37.18 5.92
N THR B 112 -14.60 36.66 4.71
CA THR B 112 -15.28 35.38 4.55
C THR B 112 -14.46 34.26 5.20
N THR B 113 -15.11 33.17 5.58
CA THR B 113 -14.32 32.05 6.05
C THR B 113 -14.25 30.93 4.97
N SER B 114 -13.05 30.59 4.55
CA SER B 114 -12.94 29.73 3.38
C SER B 114 -12.11 28.46 3.59
N ILE B 115 -12.64 27.36 3.08
CA ILE B 115 -11.96 26.07 3.11
C ILE B 115 -11.74 25.62 1.69
N ALA B 116 -10.48 25.31 1.37
CA ALA B 116 -10.09 24.82 0.05
C ALA B 116 -10.23 23.30 -0.06
N TYR B 117 -10.87 22.83 -1.14
CA TYR B 117 -11.00 21.38 -1.36
C TYR B 117 -9.60 20.76 -1.48
N GLU B 118 -8.70 21.47 -2.15
CA GLU B 118 -7.42 20.90 -2.60
C GLU B 118 -6.39 20.77 -1.47
N THR B 119 -6.68 21.30 -0.30
CA THR B 119 -5.71 21.20 0.82
C THR B 119 -6.26 20.40 2.00
N VAL B 120 -7.46 19.84 1.83
CA VAL B 120 -7.98 18.89 2.80
C VAL B 120 -7.11 17.66 2.65
N GLN B 121 -6.42 17.33 3.74
CA GLN B 121 -5.37 16.34 3.71
C GLN B 121 -5.48 15.40 4.90
N THR B 122 -5.52 14.10 4.61
CA THR B 122 -5.59 13.04 5.62
C THR B 122 -4.18 12.77 6.20
N ALA B 123 -4.16 12.10 7.36
CA ALA B 123 -2.93 11.77 8.10
C ALA B 123 -1.83 11.16 7.22
N ASP B 124 -2.24 10.23 6.36
CA ASP B 124 -1.32 9.56 5.42
C ASP B 124 -0.78 10.50 4.32
N GLY B 125 -1.28 11.73 4.24
CA GLY B 125 -0.82 12.65 3.20
C GLY B 125 -1.65 12.72 1.91
N ALA B 126 -2.70 11.92 1.81
CA ALA B 126 -3.60 11.94 0.66
C ALA B 126 -4.43 13.22 0.62
N LEU B 127 -4.85 13.58 -0.60
CA LEU B 127 -5.74 14.70 -0.79
C LEU B 127 -7.04 14.18 -1.40
N PRO B 128 -7.98 13.74 -0.56
CA PRO B 128 -9.16 13.03 -1.08
C PRO B 128 -10.13 13.87 -1.94
N LEU B 129 -10.11 15.19 -1.82
CA LEU B 129 -11.04 15.99 -2.60
C LEU B 129 -10.46 16.40 -3.95
N LEU B 130 -9.14 16.58 -4.03
CA LEU B 130 -8.43 16.80 -5.28
C LEU B 130 -8.35 15.50 -6.11
N ALA B 131 -8.09 14.37 -5.40
CA ALA B 131 -7.86 13.08 -6.04
C ALA B 131 -8.80 12.79 -7.21
N PRO B 132 -10.14 12.89 -6.99
CA PRO B 132 -11.03 12.57 -8.14
C PRO B 132 -10.85 13.52 -9.33
N MET B 133 -10.54 14.77 -9.08
CA MET B 133 -10.33 15.70 -10.17
C MET B 133 -8.96 15.49 -10.84
N SER B 134 -7.94 15.09 -10.07
CA SER B 134 -6.69 14.65 -10.67
C SER B 134 -6.84 13.37 -11.52
N GLU B 135 -7.74 12.47 -11.12
CA GLU B 135 -8.07 11.28 -11.92
C GLU B 135 -8.66 11.63 -13.28
N VAL B 136 -9.69 12.47 -13.26
CA VAL B 136 -10.30 12.93 -14.50
C VAL B 136 -9.27 13.68 -15.37
N ALA B 137 -8.55 14.63 -14.75
CA ALA B 137 -7.58 15.45 -15.51
C ALA B 137 -6.45 14.60 -16.09
N GLY B 138 -5.93 13.67 -15.28
CA GLY B 138 -4.82 12.83 -15.71
C GLY B 138 -5.23 12.05 -16.94
N ARG B 139 -6.42 11.43 -16.89
CA ARG B 139 -6.94 10.67 -18.02
C ARG B 139 -7.27 11.58 -19.21
N LEU B 140 -7.84 12.76 -18.95
CA LEU B 140 -8.07 13.72 -20.04
C LEU B 140 -6.79 14.14 -20.73
N ALA B 141 -5.73 14.38 -19.96
CA ALA B 141 -4.48 14.88 -20.53
C ALA B 141 -3.94 13.98 -21.65
N ALA B 142 -4.07 12.66 -21.47
CA ALA B 142 -3.59 11.68 -22.44
C ALA B 142 -4.39 11.75 -23.73
N GLN B 143 -5.69 11.86 -23.53
CA GLN B 143 -6.67 11.95 -24.58
C GLN B 143 -6.45 13.18 -25.45
N VAL B 144 -6.45 14.36 -24.82
CA VAL B 144 -6.27 15.64 -25.52
C VAL B 144 -4.86 15.75 -26.10
N GLY B 145 -3.86 15.29 -25.35
CA GLY B 145 -2.51 15.16 -25.91
C GLY B 145 -2.45 14.33 -27.19
N ALA B 146 -3.11 13.18 -27.21
CA ALA B 146 -3.13 12.32 -28.41
C ALA B 146 -3.76 13.02 -29.60
N TYR B 147 -4.86 13.73 -29.34
CA TYR B 147 -5.59 14.46 -30.36
C TYR B 147 -4.76 15.60 -30.96
N HIS B 148 -4.08 16.38 -30.11
CA HIS B 148 -3.31 17.53 -30.60
C HIS B 148 -2.00 17.16 -31.26
N LEU B 149 -1.68 15.86 -31.27
CA LEU B 149 -0.48 15.37 -31.92
C LEU B 149 -0.73 15.17 -33.40
N MET B 150 -2.00 15.20 -33.82
CA MET B 150 -2.34 15.13 -35.26
C MET B 150 -1.90 16.41 -36.00
N ARG B 151 -1.38 16.26 -37.23
CA ARG B 151 -0.90 17.40 -38.03
C ARG B 151 -2.00 18.41 -38.23
N THR B 152 -3.18 17.85 -38.39
CA THR B 152 -4.45 18.55 -38.47
C THR B 152 -4.69 19.60 -37.36
N GLN B 153 -4.02 19.45 -36.22
CA GLN B 153 -4.20 20.32 -35.05
C GLN B 153 -2.95 21.13 -34.77
N GLY B 154 -1.97 21.04 -35.64
CA GLY B 154 -0.68 21.69 -35.39
C GLY B 154 0.40 20.81 -34.78
N GLY B 155 0.09 19.58 -34.36
CA GLY B 155 1.10 18.67 -33.82
C GLY B 155 1.96 17.99 -34.87
N ARG B 156 2.95 17.20 -34.43
CA ARG B 156 3.91 16.65 -35.38
C ARG B 156 3.44 15.50 -36.25
N GLY B 157 2.23 15.02 -35.99
CA GLY B 157 1.60 14.05 -36.88
C GLY B 157 2.03 12.62 -36.63
N VAL B 158 2.16 12.23 -35.36
CA VAL B 158 2.43 10.84 -35.01
C VAL B 158 1.24 10.30 -34.25
N LEU B 159 0.91 9.04 -34.51
CA LEU B 159 -0.11 8.35 -33.76
C LEU B 159 0.48 7.87 -32.42
N MET B 160 -0.24 8.16 -31.32
CA MET B 160 0.14 7.69 -29.98
C MET B 160 0.85 6.34 -29.97
N GLY B 161 0.18 5.32 -30.48
CA GLY B 161 0.59 3.96 -30.28
C GLY B 161 1.37 3.37 -31.41
N GLY B 162 1.58 4.15 -32.46
CA GLY B 162 2.17 3.63 -33.69
C GLY B 162 1.34 2.52 -34.28
N VAL B 163 1.91 1.81 -35.26
CA VAL B 163 1.33 0.56 -35.76
C VAL B 163 2.47 -0.40 -35.92
N PRO B 164 2.21 -1.70 -36.04
CA PRO B 164 3.33 -2.61 -36.17
C PRO B 164 4.35 -2.19 -37.22
N GLY B 165 5.62 -2.12 -36.82
CA GLY B 165 6.69 -1.82 -37.75
C GLY B 165 7.10 -0.36 -37.71
N VAL B 166 6.33 0.45 -36.98
CA VAL B 166 6.55 1.89 -36.94
C VAL B 166 6.50 2.35 -35.48
N GLU B 167 7.43 3.19 -35.05
CA GLU B 167 7.53 3.55 -33.63
C GLU B 167 6.34 4.33 -33.10
N PRO B 168 5.96 4.08 -31.84
CA PRO B 168 4.91 4.87 -31.21
C PRO B 168 5.38 6.24 -30.76
N ALA B 169 4.46 7.04 -30.24
CA ALA B 169 4.81 8.33 -29.67
C ALA B 169 5.59 8.15 -28.36
N ASP B 170 6.40 9.15 -28.06
CA ASP B 170 7.20 9.13 -26.88
C ASP B 170 6.60 10.10 -25.88
N VAL B 171 6.09 9.57 -24.77
CA VAL B 171 5.34 10.39 -23.80
C VAL B 171 6.12 10.51 -22.50
N VAL B 172 6.32 11.73 -22.00
CA VAL B 172 6.91 11.90 -20.67
C VAL B 172 5.94 12.58 -19.70
N VAL B 173 5.83 12.01 -18.51
CA VAL B 173 4.93 12.49 -17.49
C VAL B 173 5.81 12.93 -16.32
N ILE B 174 5.70 14.19 -15.90
CA ILE B 174 6.45 14.70 -14.76
C ILE B 174 5.52 14.75 -13.55
N GLY B 175 5.84 13.97 -12.52
CA GLY B 175 4.93 13.81 -11.39
C GLY B 175 4.26 12.44 -11.43
N ALA B 176 4.51 11.60 -10.44
CA ALA B 176 3.91 10.30 -10.39
C ALA B 176 2.88 10.20 -9.26
N GLY B 177 2.11 11.27 -9.03
CA GLY B 177 0.99 11.24 -8.08
C GLY B 177 -0.28 10.80 -8.81
N THR B 178 -1.43 11.16 -8.26
CA THR B 178 -2.72 10.80 -8.85
C THR B 178 -2.88 11.18 -10.33
N ALA B 179 -2.64 12.43 -10.68
CA ALA B 179 -2.81 12.88 -12.06
C ALA B 179 -1.79 12.19 -12.97
N GLY B 180 -0.54 12.13 -12.53
CA GLY B 180 0.53 11.60 -13.37
C GLY B 180 0.40 10.09 -13.58
N TYR B 181 0.03 9.35 -12.54
CA TYR B 181 -0.21 7.90 -12.66
C TYR B 181 -1.33 7.67 -13.68
N ASN B 182 -2.37 8.50 -13.60
CA ASN B 182 -3.54 8.32 -14.48
C ASN B 182 -3.27 8.70 -15.95
N ALA B 183 -2.53 9.78 -16.18
CA ALA B 183 -2.09 10.15 -17.51
C ALA B 183 -1.21 9.05 -18.08
N ALA B 184 -0.30 8.52 -17.26
CA ALA B 184 0.61 7.48 -17.69
C ALA B 184 -0.15 6.22 -18.06
N ARG B 185 -1.13 5.88 -17.24
CA ARG B 185 -1.88 4.69 -17.45
C ARG B 185 -2.63 4.74 -18.82
N ILE B 186 -3.28 5.86 -19.08
CA ILE B 186 -4.07 5.99 -20.32
C ILE B 186 -3.14 6.10 -21.54
N ALA B 187 -2.08 6.90 -21.43
CA ALA B 187 -1.08 6.98 -22.52
C ALA B 187 -0.56 5.59 -22.87
N ASN B 188 -0.20 4.82 -21.85
CA ASN B 188 0.27 3.45 -22.04
C ASN B 188 -0.79 2.57 -22.72
N GLY B 189 -2.04 2.71 -22.29
CA GLY B 189 -3.15 1.95 -22.87
C GLY B 189 -3.39 2.24 -24.32
N MET B 190 -2.96 3.43 -24.77
CA MET B 190 -3.09 3.83 -26.17
C MET B 190 -1.85 3.41 -26.98
N GLY B 191 -0.90 2.78 -26.29
CA GLY B 191 0.26 2.16 -26.93
C GLY B 191 1.49 3.03 -26.98
N ALA B 192 1.48 4.15 -26.26
CA ALA B 192 2.65 5.03 -26.28
C ALA B 192 3.74 4.46 -25.39
N THR B 193 4.98 4.82 -25.65
CA THR B 193 5.99 4.46 -24.69
C THR B 193 6.10 5.59 -23.69
N VAL B 194 5.98 5.22 -22.42
CA VAL B 194 5.77 6.19 -21.36
C VAL B 194 6.88 6.19 -20.31
N THR B 195 7.40 7.40 -20.01
CA THR B 195 8.40 7.58 -18.97
C THR B 195 7.86 8.55 -17.94
N VAL B 196 7.90 8.18 -16.66
CA VAL B 196 7.51 9.12 -15.62
C VAL B 196 8.62 9.46 -14.64
N LEU B 197 8.65 10.74 -14.25
CA LEU B 197 9.71 11.30 -13.41
C LEU B 197 9.12 11.82 -12.13
N ASP B 198 9.80 11.58 -11.02
CA ASP B 198 9.42 12.11 -9.71
C ASP B 198 10.66 12.16 -8.83
N ILE B 199 10.61 12.99 -7.78
CA ILE B 199 11.69 13.04 -6.76
C ILE B 199 11.44 11.99 -5.68
N ASN B 200 10.22 11.47 -5.64
CA ASN B 200 9.86 10.49 -4.66
C ASN B 200 10.03 9.10 -5.25
N ILE B 201 11.02 8.37 -4.77
CA ILE B 201 11.37 7.07 -5.31
C ILE B 201 10.29 6.03 -5.03
N ASP B 202 9.61 6.18 -3.91
CA ASP B 202 8.54 5.23 -3.56
C ASP B 202 7.38 5.29 -4.51
N LYS B 203 7.08 6.48 -5.02
CA LYS B 203 6.08 6.63 -6.02
C LYS B 203 6.52 5.91 -7.31
N LEU B 204 7.80 6.00 -7.61
CA LEU B 204 8.35 5.32 -8.77
C LEU B 204 8.31 3.80 -8.60
N ARG B 205 8.55 3.31 -7.37
CA ARG B 205 8.49 1.90 -7.06
C ARG B 205 7.10 1.33 -7.26
N GLN B 206 6.08 2.05 -6.80
CA GLN B 206 4.71 1.62 -7.00
C GLN B 206 4.37 1.50 -8.48
N LEU B 207 4.77 2.49 -9.26
CA LEU B 207 4.46 2.47 -10.68
C LEU B 207 5.18 1.36 -11.36
N ASP B 208 6.39 1.07 -10.90
CA ASP B 208 7.16 -0.03 -11.48
C ASP B 208 6.49 -1.34 -11.17
N ALA B 209 5.87 -1.43 -10.02
CA ALA B 209 5.31 -2.70 -9.61
C ALA B 209 4.03 -2.92 -10.37
N GLU B 210 3.24 -1.87 -10.46
CA GLU B 210 1.90 -1.98 -11.04
C GLU B 210 1.91 -2.37 -12.52
N PHE B 211 2.92 -1.95 -13.26
CA PHE B 211 2.94 -2.25 -14.69
C PHE B 211 4.08 -3.16 -15.09
N CYS B 212 4.58 -3.94 -14.13
CA CYS B 212 5.89 -4.61 -14.29
C CYS B 212 6.88 -3.67 -15.01
N GLY B 213 7.45 -4.06 -16.13
CA GLY B 213 8.38 -3.08 -16.71
C GLY B 213 7.77 -2.01 -17.60
N ARG B 214 6.47 -2.11 -17.90
CA ARG B 214 5.89 -1.39 -19.04
C ARG B 214 6.01 0.12 -18.97
N ILE B 215 5.72 0.71 -17.81
CA ILE B 215 6.00 2.13 -17.63
C ILE B 215 7.41 2.40 -17.06
N HIS B 216 8.24 3.04 -17.86
CA HIS B 216 9.56 3.47 -17.40
C HIS B 216 9.55 4.58 -16.37
N THR B 217 10.46 4.46 -15.41
CA THR B 217 10.54 5.43 -14.33
C THR B 217 11.93 6.00 -14.25
N ARG B 218 11.99 7.32 -14.09
CA ARG B 218 13.26 8.00 -14.00
C ARG B 218 13.24 8.94 -12.81
N TYR B 219 14.31 8.93 -12.05
CA TYR B 219 14.48 9.88 -10.96
C TYR B 219 14.58 11.31 -11.51
N SER B 220 13.79 12.21 -10.95
CA SER B 220 13.70 13.55 -11.52
C SER B 220 14.84 14.51 -11.14
N SER B 221 16.03 14.30 -11.67
CA SER B 221 17.07 15.30 -11.53
C SER B 221 17.06 16.12 -12.80
N ALA B 222 17.70 17.29 -12.76
CA ALA B 222 17.76 18.20 -13.90
C ALA B 222 18.23 17.50 -15.17
N TYR B 223 19.27 16.70 -15.06
CA TYR B 223 19.87 16.05 -16.20
C TYR B 223 18.88 15.08 -16.86
N GLU B 224 18.25 14.29 -16.03
CA GLU B 224 17.33 13.25 -16.44
C GLU B 224 16.06 13.87 -17.06
N LEU B 225 15.62 15.00 -16.49
CA LEU B 225 14.46 15.73 -16.99
C LEU B 225 14.74 16.34 -18.37
N GLU B 226 15.89 16.98 -18.53
CA GLU B 226 16.27 17.52 -19.83
C GLU B 226 16.37 16.44 -20.93
N GLY B 227 17.04 15.34 -20.62
CA GLY B 227 17.19 14.24 -21.55
C GLY B 227 15.87 13.74 -22.09
N ALA B 228 14.92 13.52 -21.18
CA ALA B 228 13.63 12.94 -21.49
C ALA B 228 12.76 13.91 -22.29
N VAL B 229 12.69 15.15 -21.83
CA VAL B 229 11.86 16.17 -22.45
C VAL B 229 12.36 16.49 -23.86
N LYS B 230 13.68 16.44 -24.09
CA LYS B 230 14.24 16.68 -25.42
C LYS B 230 13.70 15.70 -26.45
N ARG B 231 13.55 14.44 -26.06
CA ARG B 231 13.11 13.40 -26.99
C ARG B 231 11.59 13.24 -27.11
N ALA B 232 10.82 13.95 -26.29
CA ALA B 232 9.38 13.67 -26.14
C ALA B 232 8.53 14.21 -27.28
N ASP B 233 7.51 13.45 -27.68
CA ASP B 233 6.43 13.97 -28.52
C ASP B 233 5.35 14.70 -27.70
N LEU B 234 5.11 14.23 -26.47
CA LEU B 234 4.05 14.74 -25.58
C LEU B 234 4.65 14.79 -24.17
N VAL B 235 4.51 15.94 -23.54
CA VAL B 235 5.01 16.13 -22.21
C VAL B 235 3.81 16.51 -21.33
N ILE B 236 3.61 15.78 -20.24
CA ILE B 236 2.50 16.07 -19.33
C ILE B 236 3.04 16.49 -17.97
N GLY B 237 2.72 17.70 -17.54
CA GLY B 237 3.18 18.21 -16.27
C GLY B 237 2.13 18.06 -15.21
N ALA B 238 2.45 17.23 -14.19
CA ALA B 238 1.51 16.81 -13.13
C ALA B 238 2.14 16.89 -11.73
N VAL B 239 2.84 17.97 -11.48
CA VAL B 239 3.53 18.16 -10.21
C VAL B 239 2.67 18.94 -9.18
N LEU B 240 2.84 18.64 -7.90
CA LEU B 240 2.26 19.39 -6.77
C LEU B 240 3.11 19.23 -5.54
N VAL B 241 3.22 20.33 -4.81
CA VAL B 241 3.54 20.35 -3.41
C VAL B 241 2.24 20.96 -2.87
N PRO B 242 1.49 20.19 -2.07
CA PRO B 242 0.07 20.41 -1.80
C PRO B 242 -0.57 21.82 -1.82
N GLY B 243 -0.04 22.81 -1.10
CA GLY B 243 -0.71 24.14 -1.25
C GLY B 243 0.07 25.22 -1.99
N ALA B 244 1.20 24.81 -2.55
CA ALA B 244 2.25 25.71 -3.02
C ALA B 244 2.11 26.05 -4.49
N LYS B 245 2.88 27.06 -4.88
CA LYS B 245 2.87 27.61 -6.21
C LYS B 245 3.22 26.63 -7.33
N ALA B 246 4.15 25.72 -7.15
CA ALA B 246 4.51 24.85 -8.29
C ALA B 246 5.76 25.34 -9.00
N PRO B 247 6.80 24.52 -8.98
CA PRO B 247 8.09 24.88 -9.48
C PRO B 247 8.05 24.96 -10.99
N LYS B 248 8.89 25.80 -11.55
CA LYS B 248 9.04 25.87 -12.98
C LYS B 248 10.11 24.86 -13.35
N LEU B 249 9.72 23.73 -13.91
CA LEU B 249 10.65 22.67 -14.18
C LEU B 249 11.13 22.65 -15.62
N VAL B 250 10.33 23.18 -16.55
CA VAL B 250 10.65 23.17 -17.98
C VAL B 250 10.76 24.61 -18.46
N SER B 251 11.99 25.03 -18.75
CA SER B 251 12.28 26.42 -19.14
C SER B 251 12.02 26.62 -20.63
N ASN B 252 11.82 27.87 -21.05
CA ASN B 252 11.60 28.17 -22.46
C ASN B 252 12.78 27.77 -23.35
N SER B 253 13.99 27.91 -22.83
CA SER B 253 15.15 27.52 -23.62
C SER B 253 15.15 26.00 -23.85
N LEU B 254 14.78 25.23 -22.82
CA LEU B 254 14.53 23.81 -23.03
C LEU B 254 13.51 23.53 -24.15
N VAL B 255 12.35 24.20 -24.11
CA VAL B 255 11.37 23.95 -25.18
C VAL B 255 11.87 24.35 -26.58
N ALA B 256 12.79 25.32 -26.64
CA ALA B 256 13.45 25.69 -27.91
C ALA B 256 14.20 24.52 -28.57
N HIS B 257 14.61 23.53 -27.76
CA HIS B 257 15.35 22.38 -28.28
C HIS B 257 14.46 21.15 -28.45
N MET B 258 13.14 21.31 -28.41
CA MET B 258 12.26 20.15 -28.57
C MET B 258 11.92 19.94 -30.03
N LYS B 259 11.48 18.74 -30.36
CA LYS B 259 10.99 18.46 -31.71
C LYS B 259 9.89 19.48 -32.06
N PRO B 260 9.91 20.01 -33.31
CA PRO B 260 8.78 20.86 -33.76
C PRO B 260 7.46 20.10 -33.68
N GLY B 261 6.41 20.75 -33.19
CA GLY B 261 5.08 20.14 -33.15
C GLY B 261 4.82 19.25 -31.94
N ALA B 262 5.78 19.18 -31.01
CA ALA B 262 5.55 18.53 -29.72
C ALA B 262 4.41 19.21 -28.98
N VAL B 263 3.70 18.47 -28.14
CA VAL B 263 2.70 19.10 -27.30
C VAL B 263 2.98 18.94 -25.83
N LEU B 264 2.68 19.99 -25.08
CA LEU B 264 2.96 20.03 -23.65
C LEU B 264 1.64 20.34 -22.99
N VAL B 265 1.23 19.47 -22.08
CA VAL B 265 -0.04 19.60 -21.39
C VAL B 265 0.33 19.90 -19.96
N ASP B 266 -0.05 21.08 -19.46
CA ASP B 266 0.33 21.47 -18.11
C ASP B 266 -0.89 21.34 -17.20
N ILE B 267 -1.05 20.16 -16.60
CA ILE B 267 -2.14 19.94 -15.66
C ILE B 267 -1.91 20.79 -14.42
N ALA B 268 -0.65 21.17 -14.17
CA ALA B 268 -0.36 21.94 -12.96
C ALA B 268 -0.65 23.45 -13.11
N ILE B 269 -1.42 23.81 -14.14
CA ILE B 269 -1.75 25.19 -14.43
C ILE B 269 -2.54 25.89 -13.35
N ASP B 270 -3.60 25.26 -12.82
CA ASP B 270 -4.26 25.82 -11.63
C ASP B 270 -3.06 25.78 -10.74
N GLN B 271 -2.97 26.52 -9.66
CA GLN B 271 -1.68 26.30 -8.96
C GLN B 271 -0.40 26.89 -9.62
N GLY B 272 -0.44 27.39 -10.86
CA GLY B 272 0.69 28.21 -11.37
C GLY B 272 1.40 27.76 -12.65
N GLY B 273 1.37 26.46 -12.96
CA GLY B 273 2.03 25.92 -14.15
C GLY B 273 3.45 25.48 -13.83
N CYS B 274 3.89 24.35 -14.37
CA CYS B 274 5.25 23.88 -14.08
C CYS B 274 6.13 24.00 -15.27
N PHE B 275 5.58 24.55 -16.35
CA PHE B 275 6.40 24.99 -17.46
C PHE B 275 6.53 26.51 -17.39
N GLU B 276 7.70 27.00 -17.72
CA GLU B 276 7.94 28.44 -17.65
C GLU B 276 6.97 29.23 -18.54
N GLY B 277 6.69 28.73 -19.74
CA GLY B 277 5.78 29.42 -20.66
C GLY B 277 4.28 29.26 -20.42
N SER B 278 3.87 28.47 -19.43
CA SER B 278 2.44 28.22 -19.23
C SER B 278 1.66 29.46 -18.83
N ARG B 279 0.39 29.43 -19.16
CA ARG B 279 -0.51 30.54 -18.94
C ARG B 279 -1.93 29.93 -18.98
N PRO B 280 -2.84 30.35 -18.07
CA PRO B 280 -4.16 29.69 -18.01
C PRO B 280 -4.90 29.90 -19.31
N THR B 281 -5.42 28.83 -19.91
CA THR B 281 -6.24 28.97 -21.10
C THR B 281 -7.63 28.40 -20.87
N THR B 282 -8.50 28.48 -21.86
CA THR B 282 -9.88 28.05 -21.68
C THR B 282 -10.22 27.01 -22.73
N TYR B 283 -11.33 26.30 -22.55
CA TYR B 283 -11.84 25.41 -23.58
C TYR B 283 -12.18 26.06 -24.93
N ASP B 284 -12.46 27.36 -24.94
CA ASP B 284 -12.66 28.07 -26.20
C ASP B 284 -11.35 28.34 -26.95
N HIS B 285 -10.28 28.65 -26.22
CA HIS B 285 -8.98 28.84 -26.87
C HIS B 285 -7.94 28.06 -26.06
N PRO B 286 -7.93 26.71 -26.20
CA PRO B 286 -7.13 25.86 -25.30
C PRO B 286 -5.61 25.92 -25.47
N THR B 287 -5.14 26.18 -26.69
CA THR B 287 -3.71 26.05 -26.97
C THR B 287 -3.04 27.35 -27.46
N PHE B 288 -1.71 27.40 -27.40
CA PHE B 288 -0.96 28.49 -28.02
C PHE B 288 0.47 28.01 -28.26
N ALA B 289 1.23 28.73 -29.08
CA ALA B 289 2.56 28.27 -29.49
C ALA B 289 3.68 28.86 -28.62
N VAL B 290 4.71 28.05 -28.39
CA VAL B 290 5.95 28.48 -27.76
C VAL B 290 7.05 27.79 -28.55
N HIS B 291 7.81 28.57 -29.32
CA HIS B 291 8.94 28.04 -30.12
C HIS B 291 8.64 26.78 -30.94
N ASP B 292 7.56 26.74 -31.73
CA ASP B 292 7.31 25.47 -32.48
C ASP B 292 6.67 24.35 -31.68
N THR B 293 6.49 24.50 -30.38
CA THR B 293 5.69 23.51 -29.69
C THR B 293 4.33 24.08 -29.44
N LEU B 294 3.40 23.20 -29.08
CA LEU B 294 2.04 23.57 -28.79
C LEU B 294 1.79 23.34 -27.29
N PHE B 295 1.35 24.37 -26.59
CA PHE B 295 1.05 24.26 -25.18
C PHE B 295 -0.43 24.12 -24.98
N TYR B 296 -0.84 23.28 -24.04
CA TYR B 296 -2.24 23.10 -23.67
C TYR B 296 -2.38 23.37 -22.18
N CYS B 297 -3.12 24.41 -21.79
CA CYS B 297 -3.09 24.85 -20.39
C CYS B 297 -4.47 25.16 -19.81
N VAL B 298 -5.46 24.33 -20.13
CA VAL B 298 -6.79 24.56 -19.61
C VAL B 298 -6.75 24.40 -18.08
N ALA B 299 -6.98 25.49 -17.33
CA ALA B 299 -7.27 25.34 -15.86
C ALA B 299 -8.57 24.58 -15.95
N ASN B 300 -9.22 24.06 -14.91
CA ASN B 300 -10.66 23.72 -15.28
C ASN B 300 -10.94 22.42 -16.15
N MET B 301 -9.94 21.56 -16.35
CA MET B 301 -10.06 20.41 -17.30
C MET B 301 -11.27 19.50 -17.13
N PRO B 302 -11.57 19.06 -15.90
CA PRO B 302 -12.68 18.12 -15.71
C PRO B 302 -14.03 18.65 -16.17
N ALA B 303 -14.13 19.94 -16.44
CA ALA B 303 -15.40 20.55 -16.83
C ALA B 303 -16.00 19.94 -18.09
N SER B 304 -15.17 19.41 -18.99
CA SER B 304 -15.69 18.94 -20.28
C SER B 304 -16.36 17.58 -20.23
N VAL B 305 -16.22 16.87 -19.11
CA VAL B 305 -16.85 15.54 -18.96
C VAL B 305 -17.65 15.53 -17.67
N PRO B 306 -18.65 16.43 -17.57
CA PRO B 306 -19.37 16.70 -16.32
C PRO B 306 -20.15 15.51 -15.85
N LYS B 307 -20.65 14.73 -16.78
CA LYS B 307 -21.34 13.49 -16.41
C LYS B 307 -20.48 12.53 -15.60
N THR B 308 -19.17 12.58 -15.79
CA THR B 308 -18.23 11.81 -15.00
C THR B 308 -17.80 12.61 -13.78
N SER B 309 -17.37 13.85 -14.01
CA SER B 309 -16.67 14.59 -12.95
C SER B 309 -17.55 15.15 -11.83
N THR B 310 -18.77 15.58 -12.15
CA THR B 310 -19.70 16.02 -11.12
C THR B 310 -19.97 14.91 -10.11
N TYR B 311 -20.21 13.69 -10.60
CA TYR B 311 -20.35 12.55 -9.67
C TYR B 311 -19.07 12.20 -8.94
N ALA B 312 -17.96 12.18 -9.65
CA ALA B 312 -16.69 11.85 -9.01
C ALA B 312 -16.39 12.86 -7.90
N LEU B 313 -16.64 14.16 -8.14
CA LEU B 313 -16.38 15.18 -7.14
C LEU B 313 -17.29 15.08 -5.92
N THR B 314 -18.59 15.03 -6.15
CA THR B 314 -19.57 15.01 -5.04
C THR B 314 -19.59 13.72 -4.23
N ASN B 315 -19.24 12.58 -4.85
CA ASN B 315 -19.02 11.34 -4.09
C ASN B 315 -18.00 11.55 -2.97
N ALA B 316 -16.99 12.37 -3.26
CA ALA B 316 -15.91 12.57 -2.30
C ALA B 316 -16.19 13.72 -1.29
N THR B 317 -16.81 14.81 -1.74
CA THR B 317 -17.06 15.99 -0.89
C THR B 317 -18.19 15.80 0.11
N MET B 318 -19.27 15.11 -0.29
CA MET B 318 -20.46 14.95 0.57
C MET B 318 -20.26 14.64 2.05
N PRO B 319 -19.46 13.61 2.40
CA PRO B 319 -19.30 13.44 3.86
C PRO B 319 -18.74 14.68 4.57
N TYR B 320 -17.93 15.49 3.89
CA TYR B 320 -17.33 16.67 4.54
C TYR B 320 -18.36 17.78 4.59
N VAL B 321 -19.20 17.85 3.57
CA VAL B 321 -20.26 18.85 3.50
C VAL B 321 -21.24 18.62 4.67
N LEU B 322 -21.54 17.35 4.94
CA LEU B 322 -22.40 16.95 6.07
C LEU B 322 -21.80 17.34 7.44
N GLU B 323 -20.51 17.11 7.62
CA GLU B 323 -19.84 17.51 8.85
C GLU B 323 -19.91 19.00 9.12
N LEU B 324 -19.68 19.80 8.07
CA LEU B 324 -19.78 21.26 8.14
C LEU B 324 -21.19 21.75 8.46
N ALA B 325 -22.18 21.24 7.73
CA ALA B 325 -23.56 21.65 7.93
C ALA B 325 -24.13 21.32 9.32
N ASP B 326 -23.80 20.14 9.84
CA ASP B 326 -24.28 19.70 11.14
C ASP B 326 -23.62 20.41 12.33
N HIS B 327 -22.33 20.77 12.22
CA HIS B 327 -21.57 21.22 13.39
C HIS B 327 -21.04 22.65 13.25
N GLY B 328 -21.18 23.26 12.08
CA GLY B 328 -20.53 24.54 11.81
C GLY B 328 -19.02 24.37 11.64
N TRP B 329 -18.37 25.37 11.06
CA TRP B 329 -17.00 25.22 10.62
C TRP B 329 -15.98 24.93 11.71
N ARG B 330 -15.95 25.72 12.79
CA ARG B 330 -15.06 25.39 13.91
C ARG B 330 -15.80 24.36 14.73
N ALA B 331 -15.12 23.27 15.09
CA ALA B 331 -15.80 22.09 15.67
C ALA B 331 -15.83 20.95 14.64
N ALA B 332 -16.27 21.25 13.42
CA ALA B 332 -16.05 20.37 12.31
C ALA B 332 -14.55 20.27 12.12
N CYS B 333 -13.87 21.41 12.17
CA CYS B 333 -12.42 21.48 12.02
C CYS B 333 -11.65 21.03 13.27
N ARG B 334 -12.28 21.16 14.44
CA ARG B 334 -11.69 20.67 15.67
C ARG B 334 -11.76 19.14 15.67
N SER B 335 -12.87 18.61 15.18
CA SER B 335 -13.12 17.16 15.08
C SER B 335 -12.33 16.46 14.01
N ASN B 336 -12.13 17.11 12.88
CA ASN B 336 -11.58 16.48 11.71
C ASN B 336 -10.34 17.21 11.24
N PRO B 337 -9.15 16.70 11.62
CA PRO B 337 -7.90 17.40 11.28
C PRO B 337 -7.70 17.54 9.78
N ALA B 338 -8.28 16.64 8.99
CA ALA B 338 -8.18 16.73 7.52
C ALA B 338 -8.89 18.00 6.99
N LEU B 339 -10.09 18.27 7.50
CA LEU B 339 -10.79 19.52 7.25
C LEU B 339 -10.01 20.76 7.74
N ALA B 340 -9.50 20.70 8.97
CA ALA B 340 -8.68 21.82 9.46
C ALA B 340 -7.56 22.17 8.50
N LYS B 341 -6.97 21.20 7.80
CA LYS B 341 -5.84 21.49 6.91
C LYS B 341 -6.27 22.30 5.69
N GLY B 342 -7.56 22.30 5.40
CA GLY B 342 -8.10 23.02 4.27
C GLY B 342 -8.45 24.46 4.57
N LEU B 343 -8.41 24.83 5.86
CA LEU B 343 -8.75 26.17 6.31
C LEU B 343 -7.79 27.17 5.71
N SER B 344 -8.33 28.13 4.95
CA SER B 344 -7.48 29.06 4.24
C SER B 344 -7.60 30.52 4.73
N THR B 345 -8.82 30.89 5.11
CA THR B 345 -9.19 32.27 5.30
C THR B 345 -10.24 32.40 6.40
N HIS B 346 -10.04 33.38 7.29
CA HIS B 346 -11.08 33.75 8.28
C HIS B 346 -10.92 35.17 8.79
N GLU B 347 -11.99 35.98 8.68
CA GLU B 347 -11.98 37.37 9.15
C GLU B 347 -10.67 38.13 8.86
N GLY B 348 -10.23 38.11 7.61
CA GLY B 348 -9.04 38.85 7.19
C GLY B 348 -7.72 38.17 7.50
N ALA B 349 -7.76 37.00 8.13
CA ALA B 349 -6.52 36.25 8.39
C ALA B 349 -6.26 35.11 7.38
N LEU B 350 -5.03 35.04 6.89
CA LEU B 350 -4.60 33.92 6.04
C LEU B 350 -4.13 32.76 6.94
N LEU B 351 -4.82 31.62 6.81
CA LEU B 351 -4.64 30.45 7.67
C LEU B 351 -3.76 29.32 7.09
N SER B 352 -3.14 29.57 5.95
CA SER B 352 -2.36 28.56 5.25
C SER B 352 -0.94 29.05 5.05
N GLU B 353 -0.01 28.32 5.66
CA GLU B 353 1.41 28.67 5.63
C GLU B 353 2.04 28.66 4.25
N ARG B 354 1.71 27.65 3.44
CA ARG B 354 2.29 27.52 2.09
C ARG B 354 1.90 28.72 1.26
N VAL B 355 0.60 29.01 1.27
CA VAL B 355 0.08 30.18 0.55
C VAL B 355 0.78 31.45 1.02
N ALA B 356 0.89 31.61 2.33
CA ALA B 356 1.47 32.79 2.94
C ALA B 356 2.91 33.00 2.52
N THR B 357 3.75 31.96 2.66
CA THR B 357 5.15 32.10 2.26
C THR B 357 5.30 32.42 0.76
N ASP B 358 4.47 31.79 -0.07
CA ASP B 358 4.51 32.01 -1.51
C ASP B 358 3.99 33.36 -1.96
N LEU B 359 3.01 33.89 -1.23
CA LEU B 359 2.41 35.17 -1.56
C LEU B 359 3.21 36.37 -1.01
N GLY B 360 4.33 36.08 -0.36
CA GLY B 360 5.14 37.11 0.21
C GLY B 360 4.42 37.36 1.50
N VAL B 361 4.66 38.49 2.12
CA VAL B 361 4.20 38.64 3.48
C VAL B 361 2.91 37.87 3.79
N PRO B 362 1.77 38.35 3.29
CA PRO B 362 0.68 38.26 4.22
C PRO B 362 1.18 37.90 5.66
N PHE B 363 1.56 36.65 5.92
CA PHE B 363 1.87 36.23 7.26
C PHE B 363 0.75 35.29 7.67
N THR B 364 1.15 34.17 8.26
CA THR B 364 0.29 33.07 8.73
C THR B 364 -0.40 33.47 10.04
N GLU B 365 -1.61 32.96 10.27
CA GLU B 365 -2.09 32.65 11.62
C GLU B 365 -2.42 31.16 11.53
N PRO B 366 -2.05 30.34 12.56
CA PRO B 366 -2.10 28.87 12.35
C PRO B 366 -3.47 28.16 12.41
N ALA B 367 -4.23 28.47 13.46
CA ALA B 367 -5.39 27.70 13.92
C ALA B 367 -5.35 27.77 15.45
N SER B 368 -5.11 29.00 15.88
CA SER B 368 -5.46 29.51 17.19
C SER B 368 -6.71 30.37 16.97
N VAL B 369 -7.35 30.17 15.81
CA VAL B 369 -8.71 30.61 15.59
C VAL B 369 -9.65 29.47 16.01
N LEU B 370 -9.08 28.28 16.18
CA LEU B 370 -9.85 27.13 16.65
C LEU B 370 -9.92 27.11 18.17
N ALA B 371 -9.21 28.05 18.81
CA ALA B 371 -9.40 28.45 20.22
C ALA B 371 -9.04 27.37 21.24
N MET C 1 1.41 -23.23 31.57
CA MET C 1 0.02 -23.09 30.98
C MET C 1 -0.49 -24.27 30.13
N ARG C 2 -1.80 -24.50 30.20
CA ARG C 2 -2.45 -25.69 29.66
C ARG C 2 -3.43 -25.31 28.50
N VAL C 3 -3.09 -25.74 27.28
CA VAL C 3 -3.85 -25.34 26.07
C VAL C 3 -4.73 -26.49 25.53
N GLY C 4 -6.02 -26.21 25.41
CA GLY C 4 -6.94 -27.22 24.96
C GLY C 4 -7.61 -26.89 23.64
N ILE C 5 -7.75 -27.93 22.80
CA ILE C 5 -8.49 -27.82 21.57
C ILE C 5 -9.44 -29.01 21.48
N PRO C 6 -10.76 -28.72 21.52
CA PRO C 6 -11.84 -29.70 21.34
C PRO C 6 -12.26 -29.81 19.89
N THR C 7 -12.97 -30.91 19.58
CA THR C 7 -13.54 -31.12 18.26
C THR C 7 -14.62 -30.11 18.00
N GLU C 8 -14.61 -29.52 16.81
CA GLU C 8 -15.65 -28.60 16.40
C GLU C 8 -16.98 -29.34 16.25
N THR C 9 -18.05 -28.76 16.80
CA THR C 9 -19.35 -29.46 16.83
C THR C 9 -20.39 -28.85 15.91
N LYS C 10 -20.13 -27.67 15.38
CA LYS C 10 -21.07 -27.02 14.49
C LYS C 10 -21.31 -27.90 13.23
N ASN C 11 -22.45 -27.72 12.58
CA ASN C 11 -22.78 -28.57 11.43
C ASN C 11 -21.72 -28.49 10.32
N ASN C 12 -21.17 -29.64 9.93
CA ASN C 12 -20.21 -29.76 8.82
C ASN C 12 -18.94 -28.93 9.01
N GLU C 13 -18.52 -28.77 10.25
CA GLU C 13 -17.35 -27.96 10.53
C GLU C 13 -16.13 -28.87 10.57
N PHE C 14 -15.34 -28.87 9.50
CA PHE C 14 -14.23 -29.80 9.35
C PHE C 14 -12.90 -29.23 9.81
N ARG C 15 -12.86 -27.92 10.10
CA ARG C 15 -11.61 -27.31 10.53
C ARG C 15 -11.23 -27.71 11.96
N VAL C 16 -9.98 -27.47 12.33
CA VAL C 16 -9.50 -27.66 13.69
C VAL C 16 -8.63 -26.44 14.03
N ALA C 17 -8.60 -26.02 15.30
CA ALA C 17 -7.95 -24.74 15.63
C ALA C 17 -6.43 -24.80 15.81
N ILE C 18 -5.84 -25.99 15.56
CA ILE C 18 -4.39 -26.15 15.65
C ILE C 18 -3.90 -27.28 14.75
N THR C 19 -2.65 -27.20 14.31
CA THR C 19 -2.01 -28.28 13.56
C THR C 19 -0.82 -28.76 14.38
N PRO C 20 -0.19 -29.89 13.97
CA PRO C 20 0.97 -30.43 14.70
C PRO C 20 2.12 -29.44 14.85
N ALA C 21 2.39 -28.63 13.82
CA ALA C 21 3.49 -27.68 13.92
C ALA C 21 3.25 -26.79 15.15
N GLY C 22 2.01 -26.35 15.33
CA GLY C 22 1.65 -25.45 16.44
C GLY C 22 1.74 -26.14 17.79
N VAL C 23 1.29 -27.40 17.85
CA VAL C 23 1.46 -28.24 19.03
C VAL C 23 2.97 -28.31 19.39
N ALA C 24 3.79 -28.66 18.41
CA ALA C 24 5.24 -28.75 18.62
C ALA C 24 5.80 -27.47 19.24
N GLU C 25 5.47 -26.29 18.69
CA GLU C 25 6.00 -25.04 19.28
C GLU C 25 5.55 -24.80 20.71
N LEU C 26 4.26 -25.02 21.00
CA LEU C 26 3.76 -24.89 22.38
C LEU C 26 4.54 -25.78 23.37
N THR C 27 4.69 -27.06 23.00
CA THR C 27 5.32 -28.04 23.90
C THR C 27 6.79 -27.74 24.08
N ARG C 28 7.47 -27.35 23.00
CA ARG C 28 8.85 -26.89 23.07
C ARG C 28 9.01 -25.82 24.16
N ARG C 29 8.01 -24.95 24.30
CA ARG C 29 8.06 -23.87 25.29
C ARG C 29 7.62 -24.30 26.69
N GLY C 30 7.26 -25.58 26.84
CA GLY C 30 6.89 -26.11 28.14
C GLY C 30 5.41 -26.08 28.49
N HIS C 31 4.56 -25.78 27.52
CA HIS C 31 3.12 -25.83 27.76
C HIS C 31 2.62 -27.23 27.46
N GLU C 32 1.50 -27.60 28.10
CA GLU C 32 0.87 -28.89 27.82
C GLU C 32 -0.34 -28.70 26.87
N VAL C 33 -0.46 -29.55 25.86
CA VAL C 33 -1.50 -29.40 24.86
C VAL C 33 -2.44 -30.58 24.95
N LEU C 34 -3.70 -30.30 25.21
CA LEU C 34 -4.73 -31.34 25.30
C LEU C 34 -5.66 -31.22 24.09
N ILE C 35 -5.93 -32.37 23.46
CA ILE C 35 -6.70 -32.41 22.25
C ILE C 35 -7.71 -33.54 22.31
N GLN C 36 -8.98 -33.20 22.10
CA GLN C 36 -10.02 -34.19 21.97
C GLN C 36 -9.65 -35.15 20.84
N ALA C 37 -9.77 -36.43 21.11
CA ALA C 37 -9.42 -37.43 20.12
C ALA C 37 -10.37 -37.28 18.94
N GLY C 38 -9.79 -37.31 17.74
CA GLY C 38 -10.53 -37.15 16.49
C GLY C 38 -10.79 -35.71 16.03
N ALA C 39 -10.26 -34.73 16.77
CA ALA C 39 -10.53 -33.32 16.47
C ALA C 39 -9.97 -32.86 15.11
N GLY C 40 -8.89 -33.51 14.64
CA GLY C 40 -8.24 -33.13 13.39
C GLY C 40 -8.65 -34.02 12.23
N GLU C 41 -9.65 -34.88 12.46
CA GLU C 41 -10.04 -35.84 11.42
C GLU C 41 -10.67 -35.21 10.18
N GLY C 42 -11.56 -34.22 10.38
CA GLY C 42 -12.06 -33.39 9.29
C GLY C 42 -10.99 -32.80 8.35
N SER C 43 -9.85 -32.41 8.92
CA SER C 43 -8.80 -31.79 8.14
C SER C 43 -7.69 -32.79 7.78
N ALA C 44 -7.96 -34.10 7.96
CA ALA C 44 -6.98 -35.17 7.64
C ALA C 44 -5.71 -35.15 8.52
N ILE C 45 -5.87 -34.68 9.76
CA ILE C 45 -4.79 -34.75 10.77
C ILE C 45 -5.17 -35.83 11.79
N THR C 46 -4.40 -36.92 11.79
CA THR C 46 -4.70 -38.07 12.64
C THR C 46 -4.34 -37.77 14.11
N ASP C 47 -4.99 -38.50 15.02
CA ASP C 47 -4.62 -38.50 16.44
C ASP C 47 -3.09 -38.77 16.61
N ALA C 48 -2.54 -39.69 15.80
CA ALA C 48 -1.09 -40.01 15.84
C ALA C 48 -0.18 -38.83 15.49
N ASP C 49 -0.57 -38.06 14.46
CA ASP C 49 0.20 -36.86 14.09
C ASP C 49 0.28 -35.89 15.26
N PHE C 50 -0.83 -35.76 15.99
CA PHE C 50 -0.91 -34.86 17.15
C PHE C 50 -0.02 -35.34 18.31
N LYS C 51 -0.14 -36.63 18.61
CA LYS C 51 0.74 -37.34 19.55
C LYS C 51 2.19 -37.02 19.28
N ALA C 52 2.66 -37.39 18.08
CA ALA C 52 4.05 -37.22 17.70
C ALA C 52 4.59 -35.81 17.93
N ALA C 53 3.70 -34.82 17.99
CA ALA C 53 4.12 -33.43 18.22
C ALA C 53 4.17 -33.05 19.71
N GLY C 54 3.61 -33.92 20.56
CA GLY C 54 3.68 -33.76 22.01
C GLY C 54 2.34 -33.50 22.69
N ALA C 55 1.25 -33.82 22.01
CA ALA C 55 -0.07 -33.55 22.56
C ALA C 55 -0.57 -34.73 23.36
N GLN C 56 -1.32 -34.43 24.41
CA GLN C 56 -2.05 -35.46 25.15
C GLN C 56 -3.43 -35.60 24.56
N LEU C 57 -3.77 -36.78 24.07
CA LEU C 57 -5.11 -37.02 23.57
C LEU C 57 -6.08 -37.30 24.72
N VAL C 58 -7.31 -36.80 24.60
CA VAL C 58 -8.31 -36.96 25.63
C VAL C 58 -9.58 -37.53 24.99
N GLY C 59 -10.21 -38.46 25.70
CA GLY C 59 -11.35 -39.21 25.18
C GLY C 59 -12.61 -38.41 24.95
N THR C 60 -12.87 -37.42 25.81
CA THR C 60 -14.13 -36.67 25.73
C THR C 60 -13.93 -35.16 25.67
N ALA C 61 -14.95 -34.48 25.15
CA ALA C 61 -14.98 -33.01 25.13
C ALA C 61 -14.85 -32.39 26.53
N ASP C 62 -15.61 -32.92 27.49
CA ASP C 62 -15.69 -32.36 28.85
C ASP C 62 -14.34 -32.14 29.54
N GLN C 63 -13.44 -33.08 29.31
CA GLN C 63 -12.11 -33.05 29.92
C GLN C 63 -11.17 -32.03 29.26
N VAL C 64 -11.43 -31.65 28.01
CA VAL C 64 -10.70 -30.54 27.38
C VAL C 64 -11.13 -29.19 28.00
N TRP C 65 -12.45 -28.98 28.11
CA TRP C 65 -12.98 -27.71 28.64
C TRP C 65 -12.64 -27.47 30.10
N ALA C 66 -12.87 -28.46 30.97
CA ALA C 66 -12.27 -28.45 32.31
C ALA C 66 -10.82 -28.78 32.07
N ASP C 67 -9.89 -28.22 32.86
CA ASP C 67 -8.45 -28.53 32.68
C ASP C 67 -7.68 -27.48 31.89
N ALA C 68 -8.21 -27.10 30.72
CA ALA C 68 -7.56 -26.13 29.84
C ALA C 68 -7.66 -24.69 30.33
N ASP C 69 -6.51 -24.03 30.50
CA ASP C 69 -6.49 -22.59 30.81
C ASP C 69 -6.78 -21.73 29.57
N LEU C 70 -6.28 -22.17 28.42
CA LEU C 70 -6.52 -21.50 27.16
C LEU C 70 -7.23 -22.49 26.23
N LEU C 71 -8.48 -22.14 25.92
CA LEU C 71 -9.28 -22.93 25.01
C LEU C 71 -9.27 -22.32 23.60
N LEU C 72 -8.68 -23.06 22.65
CA LEU C 72 -8.63 -22.64 21.25
C LEU C 72 -9.71 -23.30 20.44
N LYS C 73 -10.54 -22.47 19.79
CA LYS C 73 -11.62 -23.01 18.94
C LYS C 73 -11.64 -22.35 17.59
N VAL C 74 -12.55 -22.78 16.74
CA VAL C 74 -12.71 -22.19 15.41
C VAL C 74 -14.00 -21.37 15.41
N LYS C 75 -15.08 -22.07 15.76
CA LYS C 75 -16.41 -21.47 15.82
C LYS C 75 -16.79 -21.07 17.25
N GLU C 76 -17.92 -20.38 17.37
CA GLU C 76 -18.38 -19.92 18.68
C GLU C 76 -19.01 -21.10 19.46
N PRO C 77 -18.99 -21.01 20.80
CA PRO C 77 -19.69 -22.03 21.61
C PRO C 77 -21.13 -22.16 21.13
N ILE C 78 -21.57 -23.40 20.93
CA ILE C 78 -22.95 -23.69 20.59
C ILE C 78 -23.73 -23.99 21.89
N ALA C 79 -25.06 -23.94 21.84
CA ALA C 79 -25.90 -24.13 23.04
C ALA C 79 -25.44 -25.29 23.92
N ALA C 80 -25.32 -26.48 23.32
CA ALA C 80 -24.91 -27.67 24.03
C ALA C 80 -23.56 -27.48 24.78
N GLU C 81 -22.86 -26.37 24.52
CA GLU C 81 -21.55 -26.17 25.12
C GLU C 81 -21.56 -25.05 26.15
N TYR C 82 -22.66 -24.31 26.23
CA TYR C 82 -22.75 -23.19 27.18
C TYR C 82 -22.38 -23.63 28.60
N GLY C 83 -22.76 -24.85 28.98
CA GLY C 83 -22.47 -25.40 30.30
C GLY C 83 -21.01 -25.68 30.58
N ARG C 84 -20.20 -25.73 29.52
CA ARG C 84 -18.78 -26.06 29.64
C ARG C 84 -17.92 -24.83 29.90
N LEU C 85 -18.51 -23.65 29.69
CA LEU C 85 -17.86 -22.34 29.95
C LEU C 85 -17.47 -22.13 31.42
N ARG C 86 -16.19 -21.82 31.66
CA ARG C 86 -15.62 -21.76 33.02
C ARG C 86 -15.15 -20.36 33.32
N HIS C 87 -15.04 -20.06 34.60
CA HIS C 87 -14.67 -18.74 35.04
C HIS C 87 -13.22 -18.31 34.84
N GLY C 88 -12.26 -19.19 35.11
CA GLY C 88 -10.85 -18.77 35.03
C GLY C 88 -10.15 -19.27 33.77
N GLN C 89 -10.78 -19.05 32.63
CA GLN C 89 -10.42 -19.71 31.39
C GLN C 89 -10.43 -18.72 30.24
N ILE C 90 -9.41 -18.77 29.39
CA ILE C 90 -9.37 -17.91 28.20
C ILE C 90 -9.96 -18.63 26.98
N LEU C 91 -10.96 -17.99 26.36
CA LEU C 91 -11.53 -18.49 25.10
C LEU C 91 -11.11 -17.61 23.91
N PHE C 92 -10.56 -18.28 22.90
CA PHE C 92 -9.98 -17.62 21.73
C PHE C 92 -10.53 -18.33 20.49
N THR C 93 -11.44 -17.65 19.79
CA THR C 93 -12.16 -18.24 18.67
C THR C 93 -12.86 -17.14 17.88
N PHE C 94 -13.59 -17.52 16.84
CA PHE C 94 -14.47 -16.58 16.19
C PHE C 94 -15.73 -16.50 17.02
N LEU C 95 -16.14 -15.27 17.35
CA LEU C 95 -17.28 -15.10 18.24
C LEU C 95 -18.50 -14.51 17.56
N HIS C 96 -18.33 -13.39 16.84
CA HIS C 96 -19.44 -12.75 16.13
C HIS C 96 -20.58 -12.36 17.08
N LEU C 97 -20.19 -11.74 18.20
CA LEU C 97 -21.07 -11.49 19.32
C LEU C 97 -22.26 -10.60 18.99
N ALA C 98 -22.02 -9.56 18.18
CA ALA C 98 -23.07 -8.64 17.69
C ALA C 98 -24.24 -9.34 16.96
N ALA C 99 -24.07 -10.62 16.61
CA ALA C 99 -25.08 -11.37 15.88
C ALA C 99 -25.74 -12.42 16.73
N SER C 100 -25.25 -12.58 17.97
CA SER C 100 -25.81 -13.57 18.88
C SER C 100 -25.87 -13.03 20.32
N ARG C 101 -27.02 -12.47 20.73
CA ARG C 101 -27.18 -12.15 22.17
C ARG C 101 -26.99 -13.38 23.08
N ALA C 102 -27.56 -14.54 22.67
CA ALA C 102 -27.53 -15.80 23.48
C ALA C 102 -26.10 -16.20 23.78
N CYS C 103 -25.24 -16.16 22.75
CA CYS C 103 -23.84 -16.52 22.94
C CYS C 103 -23.17 -15.52 23.86
N THR C 104 -23.39 -14.25 23.58
CA THR C 104 -22.91 -13.14 24.41
C THR C 104 -23.35 -13.31 25.86
N ASP C 105 -24.64 -13.48 26.10
CA ASP C 105 -25.11 -13.71 27.47
C ASP C 105 -24.47 -14.93 28.14
N ALA C 106 -24.37 -16.05 27.41
CA ALA C 106 -23.71 -17.25 27.95
C ALA C 106 -22.24 -16.97 28.35
N LEU C 107 -21.56 -16.12 27.59
CA LEU C 107 -20.17 -15.81 27.95
C LEU C 107 -20.15 -14.92 29.20
N LEU C 108 -21.06 -13.95 29.24
CA LEU C 108 -21.10 -13.00 30.37
C LEU C 108 -21.48 -13.72 31.67
N ASP C 109 -22.52 -14.57 31.62
CA ASP C 109 -22.98 -15.31 32.80
C ASP C 109 -21.92 -16.29 33.35
N SER C 110 -21.11 -16.87 32.47
CA SER C 110 -20.18 -17.90 32.93
C SER C 110 -18.89 -17.24 33.47
N GLY C 111 -18.74 -15.94 33.20
CA GLY C 111 -17.56 -15.20 33.70
C GLY C 111 -16.27 -15.49 32.94
N THR C 112 -16.38 -16.29 31.86
CA THR C 112 -15.20 -16.65 31.05
C THR C 112 -14.52 -15.42 30.48
N THR C 113 -13.23 -15.54 30.20
CA THR C 113 -12.58 -14.41 29.53
C THR C 113 -12.35 -14.74 28.06
N SER C 114 -12.89 -13.91 27.17
CA SER C 114 -12.92 -14.28 25.75
C SER C 114 -12.32 -13.24 24.80
N ILE C 115 -11.60 -13.77 23.81
CA ILE C 115 -10.99 -12.94 22.78
C ILE C 115 -11.44 -13.43 21.40
N ALA C 116 -11.98 -12.48 20.61
CA ALA C 116 -12.54 -12.74 19.29
C ALA C 116 -11.46 -12.67 18.23
N TYR C 117 -11.33 -13.72 17.42
CA TYR C 117 -10.39 -13.71 16.29
C TYR C 117 -10.64 -12.48 15.41
N GLU C 118 -11.92 -12.18 15.19
CA GLU C 118 -12.34 -11.27 14.13
C GLU C 118 -12.23 -9.81 14.48
N THR C 119 -11.86 -9.49 15.73
CA THR C 119 -11.75 -8.08 16.09
C THR C 119 -10.31 -7.74 16.49
N VAL C 120 -9.42 -8.73 16.38
CA VAL C 120 -8.00 -8.48 16.53
C VAL C 120 -7.59 -7.57 15.37
N GLN C 121 -7.13 -6.37 15.72
CA GLN C 121 -6.93 -5.33 14.71
C GLN C 121 -5.62 -4.61 14.92
N THR C 122 -4.82 -4.57 13.85
CA THR C 122 -3.54 -3.88 13.87
C THR C 122 -3.73 -2.38 13.62
N ALA C 123 -2.68 -1.61 13.94
CA ALA C 123 -2.71 -0.14 13.90
C ALA C 123 -3.20 0.44 12.58
N ASP C 124 -2.82 -0.20 11.46
CA ASP C 124 -3.29 0.23 10.14
C ASP C 124 -4.75 -0.15 9.84
N GLY C 125 -5.44 -0.82 10.78
CA GLY C 125 -6.86 -1.15 10.59
C GLY C 125 -7.14 -2.55 9.99
N ALA C 126 -6.10 -3.30 9.64
CA ALA C 126 -6.28 -4.67 9.14
C ALA C 126 -6.74 -5.65 10.24
N LEU C 127 -7.41 -6.71 9.79
CA LEU C 127 -7.94 -7.78 10.62
C LEU C 127 -7.21 -9.07 10.23
N PRO C 128 -6.01 -9.29 10.76
CA PRO C 128 -5.15 -10.42 10.30
C PRO C 128 -5.67 -11.83 10.62
N LEU C 129 -6.60 -11.97 11.56
CA LEU C 129 -7.10 -13.33 11.83
C LEU C 129 -8.40 -13.67 11.08
N LEU C 130 -9.16 -12.64 10.69
CA LEU C 130 -10.32 -12.81 9.85
C LEU C 130 -9.83 -12.96 8.41
N ALA C 131 -8.90 -12.08 8.03
CA ALA C 131 -8.40 -11.98 6.65
C ALA C 131 -8.34 -13.36 5.94
N PRO C 132 -7.62 -14.36 6.51
CA PRO C 132 -7.53 -15.65 5.78
C PRO C 132 -8.86 -16.35 5.57
N MET C 133 -9.80 -16.22 6.51
CA MET C 133 -11.14 -16.81 6.28
C MET C 133 -11.99 -15.98 5.29
N SER C 134 -11.72 -14.68 5.22
CA SER C 134 -12.32 -13.83 4.23
C SER C 134 -11.79 -14.15 2.84
N GLU C 135 -10.53 -14.52 2.74
CA GLU C 135 -9.97 -14.97 1.45
C GLU C 135 -10.64 -16.27 0.97
N VAL C 136 -10.66 -17.29 1.81
CA VAL C 136 -11.31 -18.52 1.45
C VAL C 136 -12.77 -18.26 1.08
N ALA C 137 -13.50 -17.51 1.92
CA ALA C 137 -14.95 -17.36 1.67
C ALA C 137 -15.24 -16.50 0.44
N GLY C 138 -14.41 -15.48 0.20
CA GLY C 138 -14.56 -14.67 -0.99
C GLY C 138 -14.43 -15.54 -2.23
N ARG C 139 -13.37 -16.34 -2.30
CA ARG C 139 -13.16 -17.28 -3.41
C ARG C 139 -14.25 -18.33 -3.49
N LEU C 140 -14.67 -18.88 -2.35
CA LEU C 140 -15.76 -19.85 -2.35
C LEU C 140 -17.02 -19.27 -2.90
N ALA C 141 -17.33 -18.01 -2.55
CA ALA C 141 -18.63 -17.42 -2.93
C ALA C 141 -18.81 -17.38 -4.45
N ALA C 142 -17.73 -17.12 -5.20
CA ALA C 142 -17.78 -17.06 -6.66
C ALA C 142 -18.02 -18.45 -7.26
N GLN C 143 -17.33 -19.46 -6.75
CA GLN C 143 -17.55 -20.85 -7.13
C GLN C 143 -18.97 -21.31 -6.86
N VAL C 144 -19.46 -21.16 -5.62
CA VAL C 144 -20.81 -21.65 -5.32
C VAL C 144 -21.86 -20.83 -6.07
N GLY C 145 -21.66 -19.52 -6.17
CA GLY C 145 -22.51 -18.68 -7.01
C GLY C 145 -22.57 -19.15 -8.45
N ALA C 146 -21.41 -19.43 -9.04
CA ALA C 146 -21.33 -19.97 -10.40
C ALA C 146 -22.15 -21.26 -10.57
N TYR C 147 -21.99 -22.18 -9.63
CA TYR C 147 -22.66 -23.46 -9.64
C TYR C 147 -24.19 -23.31 -9.54
N HIS C 148 -24.69 -22.49 -8.61
CA HIS C 148 -26.15 -22.32 -8.42
C HIS C 148 -26.83 -21.50 -9.49
N LEU C 149 -26.05 -20.93 -10.39
CA LEU C 149 -26.55 -20.20 -11.56
C LEU C 149 -27.05 -21.19 -12.63
N MET C 150 -26.71 -22.46 -12.48
CA MET C 150 -27.22 -23.48 -13.40
C MET C 150 -28.70 -23.76 -13.14
N ARG C 151 -29.48 -23.92 -14.22
CA ARG C 151 -30.93 -24.26 -14.19
C ARG C 151 -31.23 -25.45 -13.30
N THR C 152 -30.39 -26.45 -13.47
CA THR C 152 -30.27 -27.64 -12.67
C THR C 152 -30.25 -27.45 -11.14
N GLN C 153 -29.97 -26.24 -10.68
CA GLN C 153 -29.88 -25.97 -9.23
C GLN C 153 -30.88 -24.91 -8.85
N GLY C 154 -31.77 -24.59 -9.78
CA GLY C 154 -32.74 -23.52 -9.54
C GLY C 154 -32.36 -22.13 -9.98
N GLY C 155 -31.12 -21.94 -10.48
CA GLY C 155 -30.67 -20.63 -11.03
C GLY C 155 -31.18 -20.29 -12.42
N ARG C 156 -30.85 -19.10 -12.91
CA ARG C 156 -31.44 -18.71 -14.20
C ARG C 156 -30.82 -19.33 -15.43
N GLY C 157 -29.74 -20.10 -15.27
CA GLY C 157 -29.22 -20.93 -16.35
C GLY C 157 -28.28 -20.19 -17.30
N VAL C 158 -27.40 -19.37 -16.72
CA VAL C 158 -26.37 -18.67 -17.49
C VAL C 158 -24.99 -19.08 -17.02
N LEU C 159 -24.07 -19.22 -17.97
CA LEU C 159 -22.70 -19.55 -17.67
C LEU C 159 -21.95 -18.30 -17.24
N MET C 160 -21.24 -18.37 -16.11
CA MET C 160 -20.46 -17.24 -15.58
C MET C 160 -19.86 -16.39 -16.67
N GLY C 161 -19.04 -17.02 -17.51
CA GLY C 161 -18.18 -16.30 -18.42
C GLY C 161 -18.71 -16.21 -19.83
N GLY C 162 -19.94 -16.67 -20.06
CA GLY C 162 -20.48 -16.77 -21.40
C GLY C 162 -19.54 -17.56 -22.32
N VAL C 163 -19.79 -17.50 -23.62
CA VAL C 163 -18.84 -17.97 -24.62
C VAL C 163 -18.82 -16.93 -25.72
N PRO C 164 -17.80 -16.94 -26.58
CA PRO C 164 -17.78 -15.95 -27.66
C PRO C 164 -19.11 -15.77 -28.41
N GLY C 165 -19.54 -14.52 -28.51
CA GLY C 165 -20.80 -14.18 -29.17
C GLY C 165 -21.97 -14.01 -28.26
N VAL C 166 -21.84 -14.44 -27.00
CA VAL C 166 -22.99 -14.55 -26.08
C VAL C 166 -22.57 -13.89 -24.76
N GLU C 167 -23.43 -13.07 -24.15
CA GLU C 167 -23.05 -12.31 -22.96
C GLU C 167 -22.73 -13.18 -21.70
N PRO C 168 -21.73 -12.77 -20.92
CA PRO C 168 -21.48 -13.43 -19.64
C PRO C 168 -22.51 -13.07 -18.56
N ALA C 169 -22.41 -13.73 -17.41
CA ALA C 169 -23.16 -13.35 -16.23
C ALA C 169 -22.77 -11.97 -15.74
N ASP C 170 -23.72 -11.32 -15.09
CA ASP C 170 -23.50 -10.05 -14.47
C ASP C 170 -23.38 -10.23 -12.95
N VAL C 171 -22.19 -9.95 -12.42
CA VAL C 171 -21.93 -10.18 -11.02
C VAL C 171 -21.74 -8.88 -10.27
N VAL C 172 -22.46 -8.70 -9.17
CA VAL C 172 -22.21 -7.55 -8.32
C VAL C 172 -21.74 -7.95 -6.94
N VAL C 173 -20.65 -7.33 -6.50
CA VAL C 173 -20.09 -7.57 -5.18
C VAL C 173 -20.23 -6.31 -4.36
N ILE C 174 -20.91 -6.44 -3.21
CA ILE C 174 -21.04 -5.32 -2.29
C ILE C 174 -19.96 -5.42 -1.19
N GLY C 175 -19.02 -4.47 -1.18
CA GLY C 175 -17.89 -4.49 -0.26
C GLY C 175 -16.59 -4.81 -0.98
N ALA C 176 -15.64 -3.90 -0.90
CA ALA C 176 -14.38 -4.05 -1.59
C ALA C 176 -13.25 -4.39 -0.60
N GLY C 177 -13.56 -5.09 0.49
CA GLY C 177 -12.53 -5.49 1.46
C GLY C 177 -11.96 -6.84 1.06
N THR C 178 -11.40 -7.57 2.02
CA THR C 178 -10.76 -8.84 1.72
C THR C 178 -11.64 -9.85 0.99
N ALA C 179 -12.80 -10.14 1.55
CA ALA C 179 -13.74 -11.08 0.96
C ALA C 179 -14.25 -10.60 -0.41
N GLY C 180 -14.60 -9.31 -0.50
CA GLY C 180 -15.13 -8.74 -1.73
C GLY C 180 -14.10 -8.76 -2.85
N TYR C 181 -12.87 -8.39 -2.52
CA TYR C 181 -11.83 -8.35 -3.51
C TYR C 181 -11.62 -9.77 -4.04
N ASN C 182 -11.56 -10.74 -3.13
CA ASN C 182 -11.35 -12.13 -3.56
C ASN C 182 -12.53 -12.72 -4.34
N ALA C 183 -13.76 -12.40 -3.95
CA ALA C 183 -14.92 -12.80 -4.73
C ALA C 183 -14.84 -12.22 -6.15
N ALA C 184 -14.52 -10.94 -6.23
CA ALA C 184 -14.46 -10.24 -7.52
C ALA C 184 -13.35 -10.84 -8.42
N ARG C 185 -12.22 -11.13 -7.81
CA ARG C 185 -11.09 -11.65 -8.54
C ARG C 185 -11.42 -13.01 -9.15
N ILE C 186 -12.01 -13.90 -8.38
CA ILE C 186 -12.37 -15.21 -8.92
C ILE C 186 -13.50 -15.10 -9.96
N ALA C 187 -14.52 -14.30 -9.67
CA ALA C 187 -15.62 -14.15 -10.59
C ALA C 187 -15.13 -13.60 -11.94
N ASN C 188 -14.21 -12.65 -11.88
CA ASN C 188 -13.61 -12.09 -13.07
C ASN C 188 -12.75 -13.11 -13.80
N GLY C 189 -12.04 -13.95 -13.06
CA GLY C 189 -11.25 -15.02 -13.66
C GLY C 189 -12.10 -16.07 -14.37
N MET C 190 -13.38 -16.15 -14.04
CA MET C 190 -14.23 -17.12 -14.71
C MET C 190 -14.93 -16.46 -15.88
N GLY C 191 -14.58 -15.21 -16.14
CA GLY C 191 -15.12 -14.48 -17.27
C GLY C 191 -16.35 -13.61 -17.06
N ALA C 192 -16.87 -13.56 -15.83
CA ALA C 192 -18.07 -12.70 -15.56
C ALA C 192 -17.72 -11.23 -15.68
N THR C 193 -18.70 -10.42 -15.99
CA THR C 193 -18.52 -9.02 -15.84
C THR C 193 -18.85 -8.58 -14.40
N VAL C 194 -17.88 -7.96 -13.73
CA VAL C 194 -17.93 -7.72 -12.31
C VAL C 194 -17.95 -6.24 -11.91
N THR C 195 -18.88 -5.90 -11.02
CA THR C 195 -19.00 -4.55 -10.50
C THR C 195 -18.95 -4.64 -8.99
N VAL C 196 -18.07 -3.85 -8.38
CA VAL C 196 -18.04 -3.81 -6.93
C VAL C 196 -18.31 -2.42 -6.36
N LEU C 197 -19.09 -2.42 -5.28
CA LEU C 197 -19.54 -1.22 -4.62
C LEU C 197 -18.92 -1.12 -3.24
N ASP C 198 -18.52 0.09 -2.87
CA ASP C 198 -18.07 0.37 -1.52
C ASP C 198 -18.29 1.84 -1.24
N ILE C 199 -18.32 2.20 0.04
CA ILE C 199 -18.37 3.61 0.44
C ILE C 199 -16.97 4.18 0.57
N ASN C 200 -15.97 3.32 0.65
CA ASN C 200 -14.61 3.79 0.76
C ASN C 200 -13.99 3.87 -0.62
N ILE C 201 -13.77 5.10 -1.10
CA ILE C 201 -13.26 5.32 -2.44
C ILE C 201 -11.85 4.79 -2.63
N ASP C 202 -11.02 4.82 -1.58
CA ASP C 202 -9.66 4.28 -1.69
C ASP C 202 -9.64 2.80 -2.00
N LYS C 203 -10.54 2.06 -1.40
CA LYS C 203 -10.73 0.66 -1.69
C LYS C 203 -11.08 0.44 -3.17
N LEU C 204 -11.92 1.31 -3.73
CA LEU C 204 -12.24 1.28 -5.15
C LEU C 204 -11.07 1.67 -6.04
N ARG C 205 -10.25 2.66 -5.63
CA ARG C 205 -8.99 2.99 -6.31
C ARG C 205 -8.03 1.79 -6.41
N GLN C 206 -7.84 1.04 -5.32
CA GLN C 206 -6.91 -0.09 -5.37
C GLN C 206 -7.41 -1.12 -6.32
N LEU C 207 -8.72 -1.37 -6.30
CA LEU C 207 -9.33 -2.34 -7.20
C LEU C 207 -9.22 -1.91 -8.63
N ASP C 208 -9.30 -0.61 -8.86
CA ASP C 208 -9.21 -0.08 -10.19
C ASP C 208 -7.80 -0.22 -10.75
N ALA C 209 -6.82 -0.11 -9.87
CA ALA C 209 -5.43 -0.13 -10.25
C ALA C 209 -5.05 -1.55 -10.56
N GLU C 210 -5.43 -2.44 -9.65
CA GLU C 210 -5.04 -3.85 -9.75
C GLU C 210 -5.49 -4.56 -11.04
N PHE C 211 -6.67 -4.20 -11.53
CA PHE C 211 -7.19 -4.87 -12.73
C PHE C 211 -7.26 -4.00 -13.96
N CYS C 212 -6.46 -2.93 -13.96
CA CYS C 212 -6.71 -1.79 -14.86
C CYS C 212 -8.22 -1.54 -14.98
N GLY C 213 -8.79 -1.54 -16.17
CA GLY C 213 -10.25 -1.31 -16.14
C GLY C 213 -11.16 -2.51 -15.85
N ARG C 214 -10.59 -3.71 -15.75
CA ARG C 214 -11.39 -4.92 -15.90
C ARG C 214 -12.52 -5.10 -14.88
N ILE C 215 -12.22 -4.88 -13.61
CA ILE C 215 -13.27 -4.82 -12.59
C ILE C 215 -13.85 -3.41 -12.42
N HIS C 216 -15.15 -3.30 -12.67
CA HIS C 216 -15.85 -2.03 -12.56
C HIS C 216 -16.14 -1.69 -11.12
N THR C 217 -16.03 -0.40 -10.81
CA THR C 217 -16.23 0.07 -9.46
C THR C 217 -17.31 1.12 -9.45
N ARG C 218 -18.20 1.04 -8.48
CA ARG C 218 -19.21 2.06 -8.30
C ARG C 218 -19.30 2.45 -6.85
N TYR C 219 -19.48 3.77 -6.62
CA TYR C 219 -19.64 4.31 -5.29
C TYR C 219 -20.96 3.82 -4.72
N SER C 220 -20.94 3.32 -3.51
CA SER C 220 -22.11 2.61 -2.99
C SER C 220 -23.18 3.54 -2.41
N SER C 221 -23.83 4.31 -3.28
CA SER C 221 -24.96 5.14 -2.88
C SER C 221 -26.18 4.29 -3.11
N ALA C 222 -27.30 4.62 -2.45
CA ALA C 222 -28.59 3.90 -2.64
C ALA C 222 -29.00 3.75 -4.10
N TYR C 223 -28.92 4.83 -4.84
CA TYR C 223 -29.30 4.80 -6.25
C TYR C 223 -28.46 3.78 -7.02
N GLU C 224 -27.14 3.86 -6.81
CA GLU C 224 -26.17 3.06 -7.55
C GLU C 224 -26.30 1.57 -7.17
N LEU C 225 -26.57 1.32 -5.90
CA LEU C 225 -26.79 -0.04 -5.42
C LEU C 225 -28.03 -0.70 -6.00
N GLU C 226 -29.14 0.02 -6.03
CA GLU C 226 -30.36 -0.48 -6.66
C GLU C 226 -30.20 -0.76 -8.16
N GLY C 227 -29.60 0.18 -8.88
CA GLY C 227 -29.36 -0.01 -10.30
C GLY C 227 -28.59 -1.29 -10.61
N ALA C 228 -27.53 -1.57 -9.86
CA ALA C 228 -26.66 -2.73 -10.11
C ALA C 228 -27.30 -4.06 -9.69
N VAL C 229 -27.94 -4.07 -8.55
CA VAL C 229 -28.59 -5.27 -8.05
C VAL C 229 -29.77 -5.68 -8.95
N LYS C 230 -30.50 -4.71 -9.48
CA LYS C 230 -31.61 -4.95 -10.40
C LYS C 230 -31.13 -5.75 -11.61
N ARG C 231 -29.96 -5.42 -12.14
CA ARG C 231 -29.46 -6.07 -13.37
C ARG C 231 -28.62 -7.35 -13.16
N ALA C 232 -28.34 -7.71 -11.92
CA ALA C 232 -27.37 -8.74 -11.62
C ALA C 232 -27.94 -10.15 -11.71
N ASP C 233 -27.13 -11.09 -12.22
CA ASP C 233 -27.42 -12.53 -12.09
C ASP C 233 -26.96 -13.10 -10.75
N LEU C 234 -25.87 -12.56 -10.21
CA LEU C 234 -25.27 -13.07 -8.98
C LEU C 234 -24.90 -11.87 -8.13
N VAL C 235 -25.37 -11.84 -6.89
CA VAL C 235 -25.00 -10.76 -5.97
C VAL C 235 -24.26 -11.36 -4.79
N ILE C 236 -23.11 -10.78 -4.42
CA ILE C 236 -22.34 -11.27 -3.30
C ILE C 236 -22.17 -10.14 -2.30
N GLY C 237 -22.65 -10.39 -1.07
CA GLY C 237 -22.62 -9.40 0.00
C GLY C 237 -21.44 -9.63 0.91
N ALA C 238 -20.54 -8.66 1.02
CA ALA C 238 -19.24 -8.87 1.66
C ALA C 238 -18.88 -7.64 2.49
N VAL C 239 -19.87 -7.16 3.21
CA VAL C 239 -19.77 -5.90 3.88
C VAL C 239 -19.31 -6.13 5.33
N LEU C 240 -18.56 -5.17 5.89
CA LEU C 240 -18.18 -5.18 7.30
C LEU C 240 -17.84 -3.81 7.90
N VAL C 241 -18.32 -3.59 9.12
CA VAL C 241 -17.75 -2.63 10.05
C VAL C 241 -17.29 -3.51 11.21
N PRO C 242 -15.97 -3.54 11.47
CA PRO C 242 -15.29 -4.60 12.23
C PRO C 242 -16.02 -5.39 13.33
N GLY C 243 -16.59 -4.75 14.34
CA GLY C 243 -17.28 -5.58 15.36
C GLY C 243 -18.80 -5.48 15.36
N ALA C 244 -19.34 -4.81 14.34
CA ALA C 244 -20.73 -4.41 14.35
C ALA C 244 -21.65 -5.41 13.63
N LYS C 245 -22.95 -5.17 13.79
CA LYS C 245 -24.03 -6.00 13.30
C LYS C 245 -24.05 -6.14 11.77
N ALA C 246 -23.80 -5.10 11.01
CA ALA C 246 -23.95 -5.28 9.53
C ALA C 246 -25.26 -4.73 9.02
N PRO C 247 -25.16 -3.69 8.18
CA PRO C 247 -26.31 -2.94 7.69
C PRO C 247 -27.12 -3.80 6.74
N LYS C 248 -28.43 -3.59 6.71
CA LYS C 248 -29.30 -4.25 5.76
C LYS C 248 -29.27 -3.39 4.51
N LEU C 249 -28.60 -3.84 3.47
CA LEU C 249 -28.41 -3.00 2.28
C LEU C 249 -29.35 -3.36 1.16
N VAL C 250 -29.76 -4.62 1.13
CA VAL C 250 -30.65 -5.10 0.06
C VAL C 250 -31.96 -5.49 0.72
N SER C 251 -33.01 -4.73 0.42
CA SER C 251 -34.34 -4.98 0.99
C SER C 251 -35.07 -6.09 0.19
N ASN C 252 -36.07 -6.72 0.82
CA ASN C 252 -36.94 -7.67 0.13
C ASN C 252 -37.71 -7.07 -1.04
N SER C 253 -38.12 -5.82 -0.92
CA SER C 253 -38.81 -5.21 -2.05
C SER C 253 -37.86 -5.07 -3.23
N LEU C 254 -36.59 -4.74 -2.95
CA LEU C 254 -35.58 -4.76 -4.01
C LEU C 254 -35.46 -6.14 -4.68
N VAL C 255 -35.38 -7.20 -3.89
CA VAL C 255 -35.20 -8.51 -4.49
C VAL C 255 -36.40 -8.89 -5.35
N ALA C 256 -37.58 -8.40 -4.98
CA ALA C 256 -38.81 -8.59 -5.78
C ALA C 256 -38.67 -8.08 -7.20
N HIS C 257 -37.82 -7.07 -7.40
CA HIS C 257 -37.55 -6.50 -8.75
C HIS C 257 -36.35 -7.14 -9.48
N MET C 258 -35.83 -8.26 -8.97
CA MET C 258 -34.64 -8.89 -9.55
C MET C 258 -35.04 -9.90 -10.60
N LYS C 259 -34.14 -10.23 -11.52
CA LYS C 259 -34.39 -11.28 -12.52
C LYS C 259 -34.71 -12.59 -11.79
N PRO C 260 -35.72 -13.35 -12.26
CA PRO C 260 -35.98 -14.62 -11.54
C PRO C 260 -34.83 -15.60 -11.71
N GLY C 261 -34.52 -16.34 -10.65
CA GLY C 261 -33.38 -17.25 -10.66
C GLY C 261 -32.01 -16.63 -10.33
N ALA C 262 -31.99 -15.34 -10.00
CA ALA C 262 -30.76 -14.70 -9.55
C ALA C 262 -30.31 -15.37 -8.26
N VAL C 263 -29.01 -15.36 -8.01
CA VAL C 263 -28.56 -15.87 -6.74
C VAL C 263 -27.85 -14.83 -5.90
N LEU C 264 -28.09 -14.89 -4.59
CA LEU C 264 -27.51 -13.93 -3.68
C LEU C 264 -26.72 -14.75 -2.67
N VAL C 265 -25.45 -14.40 -2.51
CA VAL C 265 -24.61 -15.10 -1.56
C VAL C 265 -24.24 -14.07 -0.49
N ASP C 266 -24.61 -14.36 0.75
CA ASP C 266 -24.39 -13.40 1.80
C ASP C 266 -23.24 -13.86 2.64
N ILE C 267 -22.04 -13.45 2.29
CA ILE C 267 -20.88 -13.77 3.11
C ILE C 267 -21.01 -13.08 4.50
N ALA C 268 -21.73 -11.97 4.57
CA ALA C 268 -21.81 -11.23 5.83
C ALA C 268 -22.83 -11.84 6.82
N ILE C 269 -23.22 -13.10 6.59
CA ILE C 269 -24.24 -13.74 7.40
C ILE C 269 -23.80 -13.97 8.85
N ASP C 270 -22.55 -14.45 9.06
CA ASP C 270 -21.99 -14.46 10.41
C ASP C 270 -22.12 -12.98 10.68
N GLN C 271 -22.13 -12.45 11.88
CA GLN C 271 -22.27 -10.97 11.84
C GLN C 271 -23.63 -10.37 11.40
N GLY C 272 -24.60 -11.14 10.92
CA GLY C 272 -25.97 -10.61 10.80
C GLY C 272 -26.66 -10.69 9.43
N GLY C 273 -25.88 -10.67 8.35
CA GLY C 273 -26.44 -10.62 7.00
C GLY C 273 -26.61 -9.19 6.51
N CYS C 274 -26.27 -8.92 5.26
CA CYS C 274 -26.44 -7.58 4.72
C CYS C 274 -27.62 -7.53 3.74
N PHE C 275 -28.30 -8.66 3.58
CA PHE C 275 -29.59 -8.68 2.87
C PHE C 275 -30.68 -8.82 3.91
N GLU C 276 -31.79 -8.10 3.71
CA GLU C 276 -32.92 -8.14 4.66
C GLU C 276 -33.39 -9.57 4.87
N GLY C 277 -33.49 -10.35 3.80
CA GLY C 277 -33.99 -11.71 3.89
C GLY C 277 -33.03 -12.76 4.44
N SER C 278 -31.79 -12.38 4.73
CA SER C 278 -30.78 -13.39 5.12
C SER C 278 -31.04 -14.10 6.44
N ARG C 279 -30.70 -15.38 6.49
CA ARG C 279 -30.83 -16.21 7.68
C ARG C 279 -29.73 -17.26 7.63
N PRO C 280 -29.12 -17.60 8.78
CA PRO C 280 -28.02 -18.53 8.67
C PRO C 280 -28.49 -19.89 8.17
N THR C 281 -27.82 -20.46 7.17
CA THR C 281 -28.12 -21.81 6.72
C THR C 281 -26.89 -22.69 6.91
N THR C 282 -27.00 -23.96 6.56
CA THR C 282 -25.91 -24.91 6.80
C THR C 282 -25.56 -25.58 5.47
N TYR C 283 -24.40 -26.23 5.40
CA TYR C 283 -24.05 -27.01 4.20
C TYR C 283 -25.02 -28.14 3.85
N ASP C 284 -25.74 -28.67 4.85
CA ASP C 284 -26.82 -29.63 4.59
C ASP C 284 -28.05 -29.03 3.88
N HIS C 285 -28.40 -27.79 4.20
CA HIS C 285 -29.52 -27.09 3.57
C HIS C 285 -29.11 -25.65 3.28
N PRO C 286 -28.25 -25.45 2.25
CA PRO C 286 -27.56 -24.15 2.12
C PRO C 286 -28.45 -23.00 1.62
N THR C 287 -29.50 -23.32 0.87
CA THR C 287 -30.25 -22.29 0.16
C THR C 287 -31.74 -22.21 0.53
N PHE C 288 -32.36 -21.07 0.28
CA PHE C 288 -33.79 -20.94 0.41
C PHE C 288 -34.29 -19.83 -0.54
N ALA C 289 -35.59 -19.76 -0.75
CA ALA C 289 -36.17 -18.86 -1.77
C ALA C 289 -36.61 -17.53 -1.14
N VAL C 290 -36.46 -16.46 -1.90
CA VAL C 290 -37.00 -15.15 -1.57
C VAL C 290 -37.45 -14.55 -2.91
N HIS C 291 -38.76 -14.44 -3.13
CA HIS C 291 -39.37 -13.90 -4.35
C HIS C 291 -38.74 -14.39 -5.64
N ASP C 292 -38.59 -15.68 -5.90
CA ASP C 292 -37.97 -16.01 -7.20
C ASP C 292 -36.44 -15.90 -7.28
N THR C 293 -35.80 -15.38 -6.24
CA THR C 293 -34.35 -15.49 -6.18
C THR C 293 -33.99 -16.63 -5.27
N LEU C 294 -32.73 -17.03 -5.33
CA LEU C 294 -32.20 -18.08 -4.49
C LEU C 294 -31.13 -17.48 -3.55
N PHE C 295 -31.31 -17.70 -2.25
CA PHE C 295 -30.40 -17.15 -1.25
C PHE C 295 -29.42 -18.22 -0.79
N TYR C 296 -28.15 -17.87 -0.65
CA TYR C 296 -27.15 -18.79 -0.14
C TYR C 296 -26.52 -18.14 1.07
N CYS C 297 -26.65 -18.76 2.24
CA CYS C 297 -26.39 -18.05 3.50
C CYS C 297 -25.61 -18.87 4.54
N VAL C 298 -24.72 -19.75 4.06
CA VAL C 298 -23.93 -20.60 4.98
C VAL C 298 -23.03 -19.75 5.87
N ALA C 299 -23.28 -19.77 7.16
CA ALA C 299 -22.32 -19.19 8.14
C ALA C 299 -21.20 -20.20 7.99
N ASN C 300 -20.02 -20.04 8.53
CA ASN C 300 -19.06 -21.20 8.41
C ASN C 300 -18.62 -21.72 6.99
N MET C 301 -18.66 -20.87 5.97
CA MET C 301 -18.22 -21.27 4.61
C MET C 301 -16.86 -21.98 4.46
N PRO C 302 -15.80 -21.47 5.09
CA PRO C 302 -14.49 -22.10 4.87
C PRO C 302 -14.41 -23.59 5.22
N ALA C 303 -15.38 -24.11 5.98
CA ALA C 303 -15.34 -25.48 6.48
C ALA C 303 -15.30 -26.55 5.39
N SER C 304 -15.82 -26.25 4.20
CA SER C 304 -15.85 -27.27 3.15
C SER C 304 -14.54 -27.45 2.41
N VAL C 305 -13.52 -26.64 2.70
CA VAL C 305 -12.21 -26.81 2.06
C VAL C 305 -11.13 -26.81 3.12
N PRO C 306 -11.26 -27.73 4.10
CA PRO C 306 -10.49 -27.68 5.34
C PRO C 306 -9.00 -27.85 5.07
N LYS C 307 -8.69 -28.56 4.00
CA LYS C 307 -7.31 -28.76 3.61
C LYS C 307 -6.63 -27.41 3.31
N THR C 308 -7.40 -26.47 2.82
CA THR C 308 -6.96 -25.11 2.60
C THR C 308 -7.15 -24.25 3.87
N SER C 309 -8.34 -24.30 4.45
CA SER C 309 -8.70 -23.29 5.49
C SER C 309 -8.08 -23.51 6.87
N THR C 310 -7.98 -24.76 7.29
CA THR C 310 -7.25 -25.08 8.53
C THR C 310 -5.82 -24.51 8.54
N TYR C 311 -5.07 -24.72 7.46
CA TYR C 311 -3.71 -24.19 7.32
C TYR C 311 -3.71 -22.66 7.22
N ALA C 312 -4.63 -22.10 6.46
CA ALA C 312 -4.68 -20.65 6.34
C ALA C 312 -4.97 -19.99 7.68
N LEU C 313 -5.88 -20.59 8.47
CA LEU C 313 -6.25 -20.04 9.77
C LEU C 313 -5.10 -20.12 10.79
N THR C 314 -4.52 -21.31 10.93
CA THR C 314 -3.49 -21.51 11.94
C THR C 314 -2.15 -20.84 11.63
N ASN C 315 -1.82 -20.69 10.34
CA ASN C 315 -0.65 -19.87 9.99
C ASN C 315 -0.78 -18.45 10.57
N ALA C 316 -2.01 -17.95 10.66
CA ALA C 316 -2.26 -16.59 11.09
C ALA C 316 -2.34 -16.51 12.63
N THR C 317 -3.05 -17.47 13.23
CA THR C 317 -3.30 -17.47 14.67
C THR C 317 -2.09 -17.80 15.57
N MET C 318 -1.27 -18.79 15.20
CA MET C 318 -0.13 -19.23 16.04
C MET C 318 0.70 -18.15 16.77
N PRO C 319 1.20 -17.14 16.05
CA PRO C 319 1.97 -16.19 16.85
C PRO C 319 1.17 -15.55 18.01
N TYR C 320 -0.16 -15.45 17.89
CA TYR C 320 -0.97 -14.87 18.96
C TYR C 320 -1.22 -15.89 20.05
N VAL C 321 -1.41 -17.14 19.61
CA VAL C 321 -1.57 -18.25 20.53
C VAL C 321 -0.36 -18.34 21.46
N LEU C 322 0.83 -18.19 20.88
CA LEU C 322 2.08 -18.26 21.64
C LEU C 322 2.25 -17.12 22.64
N GLU C 323 1.92 -15.89 22.23
CA GLU C 323 1.89 -14.72 23.13
C GLU C 323 0.97 -14.95 24.36
N LEU C 324 -0.23 -15.44 24.09
CA LEU C 324 -1.18 -15.79 25.16
C LEU C 324 -0.61 -16.86 26.10
N ALA C 325 -0.13 -17.96 25.53
CA ALA C 325 0.32 -19.09 26.34
C ALA C 325 1.51 -18.73 27.25
N ASP C 326 2.45 -17.96 26.72
CA ASP C 326 3.65 -17.56 27.48
C ASP C 326 3.39 -16.54 28.57
N HIS C 327 2.45 -15.62 28.35
CA HIS C 327 2.33 -14.43 29.21
C HIS C 327 1.01 -14.30 29.97
N GLY C 328 0.05 -15.19 29.69
CA GLY C 328 -1.31 -15.00 30.19
C GLY C 328 -2.00 -13.82 29.50
N TRP C 329 -3.33 -13.82 29.53
CA TRP C 329 -4.11 -12.89 28.73
C TRP C 329 -3.82 -11.41 28.98
N ARG C 330 -3.85 -10.96 30.24
CA ARG C 330 -3.49 -9.56 30.50
C ARG C 330 -1.98 -9.55 30.60
N ALA C 331 -1.35 -8.61 29.92
CA ALA C 331 0.12 -8.63 29.70
C ALA C 331 0.36 -8.94 28.24
N ALA C 332 -0.18 -10.06 27.75
CA ALA C 332 -0.26 -10.29 26.30
C ALA C 332 -1.00 -9.13 25.66
N CYS C 333 -2.13 -8.76 26.29
CA CYS C 333 -2.97 -7.67 25.83
C CYS C 333 -2.39 -6.30 26.16
N ARG C 334 -1.58 -6.22 27.21
CA ARG C 334 -0.90 -4.94 27.51
C ARG C 334 0.26 -4.73 26.53
N SER C 335 0.99 -5.80 26.20
CA SER C 335 2.07 -5.73 25.19
C SER C 335 1.57 -5.53 23.75
N ASN C 336 0.40 -6.09 23.43
CA ASN C 336 -0.01 -6.18 22.03
C ASN C 336 -1.38 -5.55 21.84
N PRO C 337 -1.38 -4.30 21.42
CA PRO C 337 -2.62 -3.52 21.23
C PRO C 337 -3.63 -4.19 20.27
N ALA C 338 -3.13 -4.93 19.27
CA ALA C 338 -4.02 -5.62 18.34
C ALA C 338 -4.79 -6.76 19.01
N LEU C 339 -4.12 -7.46 19.95
CA LEU C 339 -4.76 -8.50 20.73
C LEU C 339 -5.74 -7.86 21.73
N ALA C 340 -5.36 -6.75 22.34
CA ALA C 340 -6.27 -5.99 23.22
C ALA C 340 -7.61 -5.73 22.55
N LYS C 341 -7.58 -5.38 21.26
CA LYS C 341 -8.78 -4.95 20.58
C LYS C 341 -9.74 -6.15 20.35
N GLY C 342 -9.20 -7.36 20.51
CA GLY C 342 -9.99 -8.58 20.39
C GLY C 342 -10.69 -9.00 21.69
N LEU C 343 -10.35 -8.33 22.78
CA LEU C 343 -10.92 -8.58 24.11
C LEU C 343 -12.39 -8.28 24.15
N SER C 344 -13.21 -9.27 24.48
CA SER C 344 -14.67 -9.09 24.36
C SER C 344 -15.43 -9.25 25.70
N THR C 345 -14.89 -10.07 26.58
CA THR C 345 -15.62 -10.59 27.73
C THR C 345 -14.61 -10.88 28.86
N HIS C 346 -14.96 -10.46 30.07
CA HIS C 346 -14.21 -10.87 31.26
C HIS C 346 -15.05 -10.73 32.53
N GLU C 347 -15.19 -11.83 33.27
CA GLU C 347 -15.95 -11.84 34.53
C GLU C 347 -17.24 -11.00 34.43
N GLY C 348 -18.10 -11.33 33.46
CA GLY C 348 -19.42 -10.69 33.36
C GLY C 348 -19.43 -9.32 32.71
N ALA C 349 -18.26 -8.82 32.34
CA ALA C 349 -18.12 -7.49 31.76
C ALA C 349 -17.97 -7.54 30.21
N LEU C 350 -18.80 -6.77 29.48
CA LEU C 350 -18.68 -6.69 28.02
C LEU C 350 -17.61 -5.64 27.64
N LEU C 351 -16.53 -6.10 27.00
CA LEU C 351 -15.36 -5.24 26.77
C LEU C 351 -15.29 -4.60 25.36
N SER C 352 -16.31 -4.83 24.54
CA SER C 352 -16.32 -4.30 23.19
C SER C 352 -17.47 -3.33 22.99
N GLU C 353 -17.12 -2.13 22.55
CA GLU C 353 -18.07 -1.05 22.42
C GLU C 353 -19.10 -1.24 21.31
N ARG C 354 -18.65 -1.74 20.15
CA ARG C 354 -19.55 -1.96 19.01
C ARG C 354 -20.60 -3.02 19.35
N VAL C 355 -20.15 -4.12 19.96
CA VAL C 355 -21.06 -5.16 20.41
C VAL C 355 -22.10 -4.56 21.36
N ALA C 356 -21.61 -3.85 22.39
CA ALA C 356 -22.47 -3.25 23.43
C ALA C 356 -23.51 -2.28 22.87
N THR C 357 -23.09 -1.35 22.01
CA THR C 357 -24.01 -0.43 21.31
C THR C 357 -25.07 -1.19 20.51
N ASP C 358 -24.66 -2.21 19.74
CA ASP C 358 -25.62 -2.97 18.94
C ASP C 358 -26.54 -3.87 19.78
N LEU C 359 -26.07 -4.36 20.92
CA LEU C 359 -26.86 -5.29 21.73
C LEU C 359 -27.83 -4.57 22.68
N GLY C 360 -27.89 -3.25 22.54
CA GLY C 360 -28.68 -2.47 23.46
C GLY C 360 -27.85 -2.52 24.72
N VAL C 361 -28.43 -2.23 25.87
CA VAL C 361 -27.59 -1.96 27.03
C VAL C 361 -26.19 -2.64 26.97
N PRO C 362 -26.12 -3.96 27.17
CA PRO C 362 -25.14 -4.31 28.17
C PRO C 362 -24.48 -3.07 28.84
N PHE C 363 -23.71 -2.31 28.07
CA PHE C 363 -22.90 -1.24 28.60
C PHE C 363 -21.48 -1.76 28.47
N THR C 364 -20.56 -0.91 28.01
CA THR C 364 -19.14 -1.32 27.94
C THR C 364 -18.42 -1.15 29.27
N GLU C 365 -17.33 -1.89 29.42
CA GLU C 365 -16.19 -1.52 30.25
C GLU C 365 -15.05 -1.48 29.21
N PRO C 366 -14.13 -0.47 29.26
CA PRO C 366 -13.16 -0.33 28.15
C PRO C 366 -11.96 -1.32 28.08
N ALA C 367 -11.25 -1.46 29.19
CA ALA C 367 -9.84 -1.94 29.27
C ALA C 367 -9.19 -1.16 30.42
N SER C 368 -9.99 -1.02 31.48
CA SER C 368 -9.57 -0.71 32.84
C SER C 368 -9.60 -2.06 33.58
N VAL C 369 -9.70 -3.15 32.82
CA VAL C 369 -9.49 -4.52 33.33
C VAL C 369 -8.00 -4.83 33.17
N LEU C 370 -7.35 -4.02 32.32
CA LEU C 370 -5.91 -4.12 32.06
C LEU C 370 -5.10 -3.33 33.09
N ALA C 371 -5.82 -2.63 33.97
CA ALA C 371 -5.29 -2.11 35.25
C ALA C 371 -4.16 -1.07 35.10
#